data_3E81
#
_entry.id   3E81
#
_cell.length_a   81.958
_cell.length_b   106.602
_cell.length_c   74.830
_cell.angle_alpha   90.000
_cell.angle_beta   90.000
_cell.angle_gamma   90.000
#
_symmetry.space_group_name_H-M   'P 21 21 2'
#
loop_
_entity.id
_entity.type
_entity.pdbx_description
1 polymer 'Acylneuraminate cytidylyltransferase'
2 non-polymer 'MAGNESIUM ION'
3 non-polymer DI(HYDROXYETHYL)ETHER
4 non-polymer 1,2-ETHANEDIOL
5 non-polymer oxido(dioxo)vanadium
6 non-polymer 'N-acetyl-beta-neuraminic acid'
7 water water
#
_entity_poly.entity_id   1
_entity_poly.type   'polypeptide(L)'
_entity_poly.pdbx_seq_one_letter_code
;MKEIKLILTDIDGVWTDGGMFYDQTGNEWKKFNTSDSAGIFWAHNKGIPVGILTGEKTEIVRRRAEKLKVDYLFQGVVDK
LSAAEELCNELGINLEQVAYIGDDLNDAKLLKRVGIAGVPASAPFYIRRLSTIFLEKRGGEGVFREFVEKVLGINLEDFI
AVIQ
;
_entity_poly.pdbx_strand_id   A,B,C,D
#
loop_
_chem_comp.id
_chem_comp.type
_chem_comp.name
_chem_comp.formula
EDO non-polymer 1,2-ETHANEDIOL 'C2 H6 O2'
MG non-polymer 'MAGNESIUM ION' 'Mg 2'
PEG non-polymer DI(HYDROXYETHYL)ETHER 'C4 H10 O3'
SLB D-saccharide, beta linking 'N-acetyl-beta-neuraminic acid' 'C11 H19 N O9'
VN4 non-polymer oxido(dioxo)vanadium 'O3 V -1'
#
# COMPACT_ATOMS: atom_id res chain seq x y z
N MET A 1 -20.37 -27.31 5.49
CA MET A 1 -19.62 -26.74 6.61
C MET A 1 -20.25 -27.14 7.94
N LYS A 2 -19.43 -27.52 8.90
CA LYS A 2 -19.92 -27.87 10.23
C LYS A 2 -20.61 -26.68 10.90
N GLU A 3 -21.38 -26.96 11.94
CA GLU A 3 -22.11 -25.93 12.68
C GLU A 3 -21.18 -24.92 13.37
N ILE A 4 -21.44 -23.63 13.13
CA ILE A 4 -20.67 -22.56 13.77
C ILE A 4 -21.58 -21.60 14.51
N LYS A 5 -21.26 -21.32 15.78
CA LYS A 5 -22.08 -20.47 16.63
C LYS A 5 -21.40 -19.17 17.05
N LEU A 6 -20.13 -19.03 16.67
CA LEU A 6 -19.37 -17.84 17.04
C LEU A 6 -18.19 -17.74 16.10
N ILE A 7 -17.96 -16.54 15.57
CA ILE A 7 -16.81 -16.29 14.72
C ILE A 7 -15.87 -15.35 15.47
N LEU A 8 -14.62 -15.77 15.65
CA LEU A 8 -13.62 -14.95 16.33
C LEU A 8 -12.52 -14.58 15.35
N THR A 9 -11.89 -13.45 15.60
CA THR A 9 -10.89 -12.95 14.66
C THR A 9 -9.82 -12.13 15.36
N ASP A 10 -8.60 -12.32 14.91
CA ASP A 10 -7.48 -11.39 15.18
C ASP A 10 -7.64 -10.15 14.29
N ILE A 11 -6.85 -9.11 14.58
CA ILE A 11 -6.88 -7.90 13.78
C ILE A 11 -5.63 -7.76 12.88
N ASP A 12 -4.47 -7.57 13.50
CA ASP A 12 -3.27 -7.24 12.69
C ASP A 12 -2.87 -8.44 11.85
N GLY A 13 -2.71 -8.25 10.56
CA GLY A 13 -2.39 -9.38 9.69
C GLY A 13 -3.61 -10.12 9.16
N VAL A 14 -4.81 -9.79 9.68
CA VAL A 14 -6.06 -10.36 9.14
C VAL A 14 -6.93 -9.23 8.59
N TRP A 15 -7.36 -8.34 9.47
CA TRP A 15 -8.11 -7.14 9.06
C TRP A 15 -7.18 -6.11 8.41
N THR A 16 -5.88 -6.30 8.58
CA THR A 16 -4.88 -5.46 7.93
C THR A 16 -3.80 -6.35 7.32
N ASP A 17 -2.93 -5.74 6.52
CA ASP A 17 -1.80 -6.48 5.97
C ASP A 17 -0.61 -6.54 6.95
N GLY A 18 -0.87 -6.24 8.22
CA GLY A 18 0.19 -6.20 9.23
C GLY A 18 0.78 -4.83 9.43
N GLY A 19 0.34 -3.87 8.62
CA GLY A 19 0.87 -2.51 8.62
C GLY A 19 0.63 -1.81 9.93
N MET A 20 1.68 -1.24 10.49
CA MET A 20 1.56 -0.37 11.67
C MET A 20 2.24 0.94 11.32
N PHE A 21 1.45 2.01 11.16
CA PHE A 21 2.00 3.32 10.74
C PHE A 21 2.33 4.15 11.97
N TYR A 22 3.56 4.64 12.07
CA TYR A 22 3.98 5.49 13.20
C TYR A 22 4.35 6.85 12.62
N ASP A 23 3.97 7.92 13.32
CA ASP A 23 4.44 9.25 12.93
C ASP A 23 5.47 9.76 13.93
N GLN A 24 5.73 11.07 13.90
CA GLN A 24 6.76 11.67 14.74
C GLN A 24 6.22 12.15 16.08
N THR A 25 4.92 11.96 16.34
CA THR A 25 4.28 12.56 17.51
C THR A 25 3.70 11.57 18.51
N GLY A 26 3.82 10.27 18.21
CA GLY A 26 3.29 9.24 19.09
C GLY A 26 1.92 8.75 18.70
N ASN A 27 1.43 9.17 17.54
CA ASN A 27 0.16 8.69 17.02
C ASN A 27 0.42 7.39 16.23
N GLU A 28 -0.63 6.66 15.94
CA GLU A 28 -0.49 5.38 15.26
C GLU A 28 -1.71 5.16 14.38
N TRP A 29 -1.53 4.43 13.28
CA TRP A 29 -2.63 4.13 12.36
C TRP A 29 -2.67 2.66 12.01
N LYS A 30 -3.86 2.18 11.67
CA LYS A 30 -4.03 0.94 10.92
C LYS A 30 -4.91 1.23 9.69
N LYS A 31 -4.73 0.43 8.65
CA LYS A 31 -5.53 0.51 7.44
C LYS A 31 -6.45 -0.71 7.35
N PHE A 32 -7.75 -0.46 7.51
CA PHE A 32 -8.77 -1.49 7.39
C PHE A 32 -9.28 -1.52 5.97
N ASN A 33 -10.03 -2.58 5.64
CA ASN A 33 -10.59 -2.69 4.31
C ASN A 33 -12.10 -2.77 4.48
N THR A 34 -12.80 -1.84 3.85
CA THR A 34 -14.26 -1.83 3.96
C THR A 34 -14.89 -3.17 3.55
N SER A 35 -14.21 -3.92 2.69
CA SER A 35 -14.74 -5.23 2.28
C SER A 35 -15.04 -6.13 3.49
N ASP A 36 -14.24 -6.02 4.54
CA ASP A 36 -14.43 -6.90 5.71
C ASP A 36 -15.72 -6.65 6.48
N SER A 37 -16.32 -5.47 6.32
N SER A 37 -16.31 -5.48 6.29
CA SER A 37 -17.56 -5.22 7.03
CA SER A 37 -17.56 -5.17 6.97
C SER A 37 -18.64 -6.21 6.56
C SER A 37 -18.68 -6.11 6.52
N ALA A 38 -18.55 -6.66 5.31
CA ALA A 38 -19.52 -7.65 4.82
C ALA A 38 -19.43 -8.96 5.62
N GLY A 39 -18.26 -9.20 6.24
CA GLY A 39 -18.11 -10.38 7.09
C GLY A 39 -19.06 -10.27 8.27
N ILE A 40 -19.13 -9.08 8.87
CA ILE A 40 -20.05 -8.86 9.97
C ILE A 40 -21.50 -8.97 9.47
N PHE A 41 -21.78 -8.37 8.32
CA PHE A 41 -23.12 -8.44 7.73
C PHE A 41 -23.59 -9.88 7.57
N TRP A 42 -22.77 -10.72 6.96
CA TRP A 42 -23.16 -12.12 6.76
C TRP A 42 -23.33 -12.90 8.06
N ALA A 43 -22.42 -12.66 9.01
CA ALA A 43 -22.53 -13.34 10.30
C ALA A 43 -23.84 -12.96 10.95
N HIS A 44 -24.10 -11.65 11.01
CA HIS A 44 -25.32 -11.18 11.66
C HIS A 44 -26.56 -11.64 10.92
N ASN A 45 -26.48 -11.70 9.59
CA ASN A 45 -27.59 -12.17 8.77
C ASN A 45 -27.97 -13.60 9.15
N LYS A 46 -26.95 -14.38 9.51
CA LYS A 46 -27.14 -15.77 9.88
C LYS A 46 -27.32 -15.95 11.38
N GLY A 47 -27.39 -14.83 12.12
CA GLY A 47 -27.63 -14.84 13.55
C GLY A 47 -26.45 -15.28 14.40
N ILE A 48 -25.25 -15.02 13.90
N ILE A 48 -25.24 -15.00 13.93
CA ILE A 48 -24.01 -15.44 14.53
CA ILE A 48 -24.05 -15.47 14.60
C ILE A 48 -23.28 -14.20 15.05
C ILE A 48 -23.20 -14.28 15.02
N PRO A 49 -22.80 -14.23 16.31
CA PRO A 49 -22.00 -13.12 16.82
C PRO A 49 -20.54 -13.22 16.38
N VAL A 50 -19.88 -12.05 16.37
CA VAL A 50 -18.47 -11.94 16.02
C VAL A 50 -17.71 -11.33 17.18
N GLY A 51 -16.56 -11.92 17.50
CA GLY A 51 -15.71 -11.33 18.52
C GLY A 51 -14.31 -11.10 18.00
N ILE A 52 -13.68 -10.03 18.49
CA ILE A 52 -12.28 -9.73 18.19
C ILE A 52 -11.41 -10.09 19.39
N LEU A 53 -10.35 -10.86 19.15
CA LEU A 53 -9.31 -11.05 20.13
C LEU A 53 -8.00 -10.50 19.59
N THR A 54 -7.47 -9.47 20.23
CA THR A 54 -6.21 -8.88 19.76
C THR A 54 -5.25 -8.66 20.92
N GLY A 55 -3.96 -8.85 20.66
CA GLY A 55 -2.93 -8.65 21.67
C GLY A 55 -2.57 -7.18 21.83
N GLU A 56 -2.87 -6.38 20.81
CA GLU A 56 -2.64 -4.93 20.87
C GLU A 56 -3.79 -4.27 21.62
N LYS A 57 -3.61 -3.01 22.01
CA LYS A 57 -4.72 -2.31 22.64
C LYS A 57 -4.69 -0.86 22.18
N THR A 58 -5.65 -0.50 21.33
CA THR A 58 -5.66 0.82 20.67
C THR A 58 -7.06 1.40 20.57
N GLU A 59 -7.13 2.73 20.55
CA GLU A 59 -8.37 3.41 20.19
C GLU A 59 -8.72 3.13 18.72
N ILE A 60 -7.69 2.97 17.88
CA ILE A 60 -7.90 2.56 16.49
C ILE A 60 -8.91 1.41 16.36
N VAL A 61 -8.64 0.33 17.07
CA VAL A 61 -9.47 -0.88 16.98
C VAL A 61 -10.81 -0.75 17.71
N ARG A 62 -10.80 -0.04 18.84
CA ARG A 62 -12.05 0.21 19.56
C ARG A 62 -13.02 0.93 18.64
N ARG A 63 -12.53 1.93 17.92
CA ARG A 63 -13.41 2.71 17.05
C ARG A 63 -13.90 1.89 15.87
N ARG A 64 -13.01 1.11 15.27
CA ARG A 64 -13.35 0.26 14.13
C ARG A 64 -14.40 -0.77 14.55
N ALA A 65 -14.19 -1.40 15.70
CA ALA A 65 -15.16 -2.38 16.22
C ALA A 65 -16.53 -1.77 16.44
N GLU A 66 -16.56 -0.58 17.01
CA GLU A 66 -17.81 0.14 17.19
C GLU A 66 -18.52 0.42 15.86
N LYS A 67 -17.75 0.88 14.87
CA LYS A 67 -18.30 1.24 13.57
C LYS A 67 -18.97 0.02 12.91
N LEU A 68 -18.37 -1.15 13.11
CA LEU A 68 -18.83 -2.39 12.46
C LEU A 68 -19.83 -3.16 13.31
N LYS A 69 -20.13 -2.66 14.50
CA LYS A 69 -21.11 -3.29 15.39
C LYS A 69 -20.67 -4.71 15.75
N VAL A 70 -19.38 -4.88 15.96
CA VAL A 70 -18.85 -6.15 16.43
C VAL A 70 -19.40 -6.47 17.83
N ASP A 71 -19.77 -7.73 18.06
CA ASP A 71 -20.44 -8.09 19.30
C ASP A 71 -19.54 -8.09 20.52
N TYR A 72 -18.30 -8.53 20.35
CA TYR A 72 -17.35 -8.59 21.44
C TYR A 72 -15.98 -8.08 21.02
N LEU A 73 -15.36 -7.29 21.89
CA LEU A 73 -14.00 -6.81 21.66
C LEU A 73 -13.17 -7.03 22.91
N PHE A 74 -12.10 -7.81 22.77
CA PHE A 74 -11.14 -7.98 23.85
C PHE A 74 -9.75 -7.58 23.35
N GLN A 75 -9.16 -6.57 23.98
CA GLN A 75 -7.83 -6.09 23.62
C GLN A 75 -6.82 -6.41 24.71
N GLY A 76 -5.54 -6.33 24.35
CA GLY A 76 -4.45 -6.64 25.27
C GLY A 76 -4.49 -8.09 25.71
N VAL A 77 -5.04 -8.94 24.86
CA VAL A 77 -5.14 -10.38 25.16
C VAL A 77 -3.79 -11.08 25.03
N VAL A 78 -3.33 -11.70 26.11
CA VAL A 78 -2.06 -12.41 26.11
C VAL A 78 -2.23 -13.89 25.78
N ASP A 79 -3.34 -14.47 26.25
CA ASP A 79 -3.59 -15.89 26.05
C ASP A 79 -4.93 -16.01 25.32
N LYS A 80 -4.87 -16.12 24.00
CA LYS A 80 -6.09 -16.12 23.19
C LYS A 80 -6.93 -17.36 23.39
N LEU A 81 -6.29 -18.50 23.62
CA LEU A 81 -7.06 -19.72 23.87
C LEU A 81 -7.90 -19.58 25.14
N SER A 82 -7.28 -19.10 26.22
N SER A 82 -7.27 -19.08 26.21
CA SER A 82 -8.02 -18.90 27.45
CA SER A 82 -7.98 -18.86 27.47
C SER A 82 -9.15 -17.88 27.27
C SER A 82 -9.11 -17.85 27.32
N ALA A 83 -8.87 -16.79 26.58
CA ALA A 83 -9.87 -15.75 26.35
C ALA A 83 -11.06 -16.35 25.61
N ALA A 84 -10.76 -17.12 24.57
CA ALA A 84 -11.81 -17.75 23.79
C ALA A 84 -12.62 -18.74 24.64
N GLU A 85 -11.94 -19.53 25.44
CA GLU A 85 -12.63 -20.48 26.33
C GLU A 85 -13.56 -19.75 27.30
N GLU A 86 -13.10 -18.63 27.85
CA GLU A 86 -13.91 -17.93 28.82
C GLU A 86 -15.13 -17.26 28.17
N LEU A 87 -14.93 -16.67 26.99
CA LEU A 87 -16.06 -16.10 26.28
C LEU A 87 -17.06 -17.19 25.92
N CYS A 88 -16.57 -18.31 25.42
CA CYS A 88 -17.46 -19.38 25.00
C CYS A 88 -18.22 -19.92 26.20
N ASN A 89 -17.53 -20.01 27.32
CA ASN A 89 -18.18 -20.50 28.53
C ASN A 89 -19.38 -19.64 28.93
N GLU A 90 -19.24 -18.33 28.78
CA GLU A 90 -20.34 -17.40 29.08
C GLU A 90 -21.50 -17.62 28.12
N LEU A 91 -21.19 -17.97 26.88
CA LEU A 91 -22.21 -18.17 25.84
C LEU A 91 -22.76 -19.58 25.70
N GLY A 92 -22.15 -20.55 26.40
CA GLY A 92 -22.56 -21.93 26.34
C GLY A 92 -22.03 -22.66 25.12
N ILE A 93 -20.94 -22.15 24.55
CA ILE A 93 -20.43 -22.64 23.25
C ILE A 93 -19.18 -23.51 23.42
N ASN A 94 -19.09 -24.55 22.58
CA ASN A 94 -17.94 -25.45 22.55
C ASN A 94 -16.96 -24.90 21.52
N LEU A 95 -15.66 -25.08 21.72
CA LEU A 95 -14.69 -24.55 20.74
C LEU A 95 -14.88 -25.18 19.35
N GLU A 96 -15.42 -26.39 19.30
CA GLU A 96 -15.65 -27.04 18.02
C GLU A 96 -16.75 -26.31 17.22
N GLN A 97 -17.51 -25.46 17.92
CA GLN A 97 -18.55 -24.65 17.30
C GLN A 97 -18.05 -23.24 16.98
N VAL A 98 -16.73 -23.05 17.07
CA VAL A 98 -16.12 -21.75 16.81
C VAL A 98 -15.32 -21.76 15.52
N ALA A 99 -15.39 -20.67 14.75
CA ALA A 99 -14.46 -20.45 13.64
C ALA A 99 -13.55 -19.30 14.06
N TYR A 100 -12.24 -19.48 13.94
CA TYR A 100 -11.27 -18.45 14.32
C TYR A 100 -10.26 -18.24 13.20
N ILE A 101 -9.96 -16.97 12.91
CA ILE A 101 -8.92 -16.63 11.92
C ILE A 101 -7.82 -15.79 12.59
N GLY A 102 -6.57 -16.21 12.38
CA GLY A 102 -5.43 -15.55 12.99
C GLY A 102 -4.25 -15.75 12.06
N ASP A 103 -3.13 -15.09 12.31
CA ASP A 103 -2.01 -15.15 11.36
C ASP A 103 -0.62 -15.35 11.97
N ASP A 104 -0.52 -15.43 13.29
CA ASP A 104 0.83 -15.46 13.85
C ASP A 104 0.97 -16.32 15.11
N LEU A 105 2.15 -16.26 15.73
CA LEU A 105 2.49 -17.15 16.83
C LEU A 105 1.44 -17.12 17.94
N ASN A 106 0.95 -15.93 18.26
CA ASN A 106 0.00 -15.80 19.37
C ASN A 106 -1.39 -16.38 19.08
N ASP A 107 -1.62 -16.80 17.83
CA ASP A 107 -2.90 -17.36 17.43
C ASP A 107 -2.88 -18.88 17.37
N ALA A 108 -1.69 -19.47 17.38
CA ALA A 108 -1.54 -20.90 17.04
C ALA A 108 -2.29 -21.84 18.00
N LYS A 109 -2.22 -21.57 19.30
CA LYS A 109 -2.85 -22.47 20.26
C LYS A 109 -4.36 -22.53 20.05
N LEU A 110 -4.95 -21.37 19.80
CA LEU A 110 -6.38 -21.30 19.56
C LEU A 110 -6.76 -21.90 18.21
N LEU A 111 -5.98 -21.58 17.18
CA LEU A 111 -6.25 -22.15 15.85
C LEU A 111 -6.29 -23.68 15.89
N LYS A 112 -5.45 -24.26 16.74
CA LYS A 112 -5.39 -25.72 16.82
C LYS A 112 -6.58 -26.35 17.55
N ARG A 113 -7.39 -25.54 18.22
CA ARG A 113 -8.46 -26.08 19.07
C ARG A 113 -9.88 -25.79 18.58
N VAL A 114 -10.01 -24.92 17.58
CA VAL A 114 -11.33 -24.52 17.08
C VAL A 114 -11.89 -25.44 15.97
N GLY A 115 -13.21 -25.36 15.77
CA GLY A 115 -13.89 -26.16 14.77
C GLY A 115 -13.41 -25.87 13.35
N ILE A 116 -13.26 -24.59 13.04
CA ILE A 116 -12.71 -24.19 11.76
C ILE A 116 -11.66 -23.13 12.00
N ALA A 117 -10.44 -23.42 11.54
CA ALA A 117 -9.33 -22.48 11.65
C ALA A 117 -9.03 -21.88 10.29
N GLY A 118 -8.92 -20.55 10.25
CA GLY A 118 -8.57 -19.86 9.02
C GLY A 118 -7.28 -19.07 9.20
N VAL A 119 -6.43 -19.08 8.18
CA VAL A 119 -5.19 -18.29 8.19
C VAL A 119 -5.00 -17.65 6.82
N PRO A 120 -4.74 -16.33 6.78
CA PRO A 120 -4.58 -15.64 5.49
C PRO A 120 -3.37 -16.15 4.69
N ALA A 121 -3.42 -15.93 3.39
CA ALA A 121 -2.39 -16.41 2.47
C ALA A 121 -1.05 -15.77 2.75
N SER A 122 -1.07 -14.63 3.43
CA SER A 122 0.12 -13.84 3.70
C SER A 122 0.90 -14.29 4.94
N ALA A 123 0.35 -15.25 5.67
CA ALA A 123 0.88 -15.62 6.97
C ALA A 123 2.10 -16.53 6.89
N PRO A 124 2.90 -16.55 7.97
CA PRO A 124 4.05 -17.45 8.05
C PRO A 124 3.63 -18.89 7.84
N PHE A 125 4.45 -19.62 7.12
CA PHE A 125 4.16 -20.99 6.76
C PHE A 125 3.71 -21.91 7.92
N TYR A 126 4.39 -21.80 9.06
N TYR A 126 4.37 -21.85 9.07
CA TYR A 126 4.08 -22.61 10.24
CA TYR A 126 3.99 -22.75 10.15
C TYR A 126 2.68 -22.36 10.78
C TYR A 126 2.66 -22.36 10.82
N ILE A 127 2.16 -21.16 10.53
CA ILE A 127 0.81 -20.82 10.96
C ILE A 127 -0.18 -21.21 9.85
N ARG A 128 0.16 -20.87 8.60
CA ARG A 128 -0.71 -21.17 7.46
C ARG A 128 -1.09 -22.67 7.40
N ARG A 129 -0.15 -23.53 7.76
CA ARG A 129 -0.43 -24.95 7.73
C ARG A 129 -1.44 -25.40 8.82
N LEU A 130 -1.76 -24.52 9.77
CA LEU A 130 -2.82 -24.83 10.73
C LEU A 130 -4.22 -24.57 10.20
N SER A 131 -4.32 -23.83 9.10
CA SER A 131 -5.61 -23.49 8.55
C SER A 131 -6.33 -24.76 8.11
N THR A 132 -7.61 -24.90 8.46
CA THR A 132 -8.36 -26.09 8.02
C THR A 132 -9.22 -25.84 6.78
N ILE A 133 -9.23 -24.59 6.33
CA ILE A 133 -9.82 -24.25 5.04
C ILE A 133 -8.83 -23.43 4.22
N PHE A 134 -8.95 -23.49 2.89
CA PHE A 134 -8.07 -22.69 2.05
C PHE A 134 -8.62 -21.27 1.94
N LEU A 135 -7.77 -20.28 2.26
CA LEU A 135 -8.12 -18.88 2.05
C LEU A 135 -7.16 -18.31 1.03
N GLU A 136 -7.71 -17.73 -0.03
CA GLU A 136 -6.89 -17.16 -1.10
C GLU A 136 -6.36 -15.75 -0.78
N LYS A 137 -7.12 -14.99 0.02
CA LYS A 137 -6.82 -13.58 0.29
C LYS A 137 -5.71 -13.37 1.32
N ARG A 138 -4.99 -12.27 1.17
CA ARG A 138 -3.94 -11.88 2.12
C ARG A 138 -4.54 -10.96 3.17
N GLY A 139 -3.84 -10.80 4.29
CA GLY A 139 -4.28 -9.84 5.30
C GLY A 139 -4.54 -8.47 4.68
N GLY A 140 -5.66 -7.87 5.06
CA GLY A 140 -6.05 -6.56 4.59
C GLY A 140 -6.72 -6.53 3.23
N GLU A 141 -6.80 -7.68 2.56
CA GLU A 141 -7.37 -7.77 1.23
C GLU A 141 -8.84 -8.19 1.25
N GLY A 142 -9.42 -8.29 2.44
CA GLY A 142 -10.79 -8.76 2.58
C GLY A 142 -10.84 -10.23 2.97
N VAL A 143 -9.80 -10.69 3.64
CA VAL A 143 -9.71 -12.11 4.03
C VAL A 143 -10.65 -12.46 5.18
N PHE A 144 -11.00 -11.48 6.02
CA PHE A 144 -12.03 -11.75 7.03
C PHE A 144 -13.37 -12.04 6.37
N ARG A 145 -13.71 -11.22 5.38
CA ARG A 145 -14.92 -11.46 4.61
C ARG A 145 -14.86 -12.83 3.95
N GLU A 146 -13.71 -13.16 3.35
CA GLU A 146 -13.56 -14.46 2.69
C GLU A 146 -13.82 -15.60 3.67
N PHE A 147 -13.23 -15.47 4.86
CA PHE A 147 -13.34 -16.49 5.89
C PHE A 147 -14.80 -16.66 6.31
N VAL A 148 -15.47 -15.55 6.61
CA VAL A 148 -16.89 -15.66 7.00
C VAL A 148 -17.74 -16.30 5.91
N GLU A 149 -17.54 -15.85 4.65
CA GLU A 149 -18.35 -16.38 3.56
C GLU A 149 -18.13 -17.89 3.39
N LYS A 150 -16.90 -18.36 3.60
CA LYS A 150 -16.63 -19.79 3.45
C LYS A 150 -17.19 -20.60 4.62
N VAL A 151 -16.97 -20.08 5.84
N VAL A 151 -16.99 -20.11 5.85
CA VAL A 151 -17.40 -20.76 7.07
CA VAL A 151 -17.41 -20.86 7.01
C VAL A 151 -18.92 -20.91 7.13
C VAL A 151 -18.94 -20.91 7.15
N LEU A 152 -19.63 -19.89 6.65
CA LEU A 152 -21.10 -19.88 6.71
C LEU A 152 -21.74 -20.39 5.41
N GLY A 153 -20.92 -20.80 4.46
CA GLY A 153 -21.43 -21.30 3.19
C GLY A 153 -22.25 -20.29 2.41
N ILE A 154 -21.84 -19.03 2.45
CA ILE A 154 -22.50 -17.96 1.71
C ILE A 154 -22.33 -18.17 0.21
N ASN A 155 -23.44 -18.36 -0.49
N ASN A 155 -23.44 -18.37 -0.49
CA ASN A 155 -23.41 -18.66 -1.92
CA ASN A 155 -23.43 -18.67 -1.92
C ASN A 155 -24.27 -17.67 -2.71
C ASN A 155 -24.23 -17.64 -2.72
N LEU A 156 -24.37 -17.88 -4.02
CA LEU A 156 -25.09 -16.95 -4.88
C LEU A 156 -26.54 -16.80 -4.43
N GLU A 157 -27.11 -17.88 -3.92
CA GLU A 157 -28.49 -17.85 -3.46
C GLU A 157 -28.69 -16.91 -2.28
N ASP A 158 -27.73 -16.91 -1.35
CA ASP A 158 -27.77 -15.98 -0.22
C ASP A 158 -27.68 -14.55 -0.73
N PHE A 159 -26.82 -14.33 -1.72
CA PHE A 159 -26.67 -12.99 -2.30
C PHE A 159 -27.97 -12.53 -2.96
N ILE A 160 -28.55 -13.41 -3.77
CA ILE A 160 -29.81 -13.12 -4.44
C ILE A 160 -30.87 -12.77 -3.40
N ALA A 161 -30.90 -13.53 -2.30
CA ALA A 161 -31.89 -13.30 -1.25
C ALA A 161 -31.77 -11.93 -0.58
N VAL A 162 -30.55 -11.43 -0.44
CA VAL A 162 -30.38 -10.14 0.24
C VAL A 162 -30.60 -8.93 -0.67
N ILE A 163 -30.47 -9.10 -1.98
CA ILE A 163 -30.60 -7.96 -2.90
C ILE A 163 -31.92 -7.93 -3.66
N GLN A 164 -32.80 -8.89 -3.39
CA GLN A 164 -34.08 -8.92 -4.06
C GLN A 164 -35.16 -8.35 -3.14
N MET B 1 23.59 -23.46 9.64
CA MET B 1 24.09 -22.13 9.33
C MET B 1 25.28 -21.77 10.21
N LYS B 2 26.10 -20.83 9.75
CA LYS B 2 27.28 -20.41 10.52
C LYS B 2 26.90 -19.67 11.81
N GLU B 3 27.86 -19.64 12.73
CA GLU B 3 27.68 -19.07 14.07
C GLU B 3 27.51 -17.56 14.04
N ILE B 4 26.39 -17.09 14.57
CA ILE B 4 26.07 -15.66 14.58
C ILE B 4 25.92 -15.17 16.02
N LYS B 5 26.55 -14.04 16.35
CA LYS B 5 26.49 -13.50 17.71
C LYS B 5 25.75 -12.17 17.80
N LEU B 6 25.39 -11.61 16.66
CA LEU B 6 24.76 -10.29 16.62
C LEU B 6 24.05 -10.17 15.28
N ILE B 7 22.81 -9.70 15.32
CA ILE B 7 22.03 -9.43 14.12
C ILE B 7 21.84 -7.93 13.99
N LEU B 8 22.26 -7.38 12.85
CA LEU B 8 22.11 -5.94 12.59
C LEU B 8 21.17 -5.74 11.40
N THR B 9 20.50 -4.59 11.37
CA THR B 9 19.52 -4.34 10.33
C THR B 9 19.36 -2.86 10.02
N ASP B 10 19.23 -2.55 8.74
CA ASP B 10 18.72 -1.25 8.29
C ASP B 10 17.21 -1.19 8.48
N ILE B 11 16.64 0.02 8.34
CA ILE B 11 15.20 0.19 8.49
C ILE B 11 14.52 0.41 7.14
N ASP B 12 14.83 1.53 6.49
CA ASP B 12 14.07 1.90 5.29
C ASP B 12 14.38 0.92 4.15
N GLY B 13 13.34 0.30 3.62
CA GLY B 13 13.56 -0.67 2.55
C GLY B 13 13.80 -2.09 3.05
N VAL B 14 13.91 -2.24 4.37
CA VAL B 14 13.99 -3.58 4.97
C VAL B 14 12.76 -3.78 5.87
N TRP B 15 12.67 -2.98 6.93
CA TRP B 15 11.49 -2.98 7.81
C TRP B 15 10.28 -2.28 7.16
N THR B 16 10.54 -1.60 6.05
CA THR B 16 9.49 -0.92 5.28
C THR B 16 9.76 -1.17 3.81
N ASP B 17 8.80 -0.79 2.97
CA ASP B 17 8.99 -0.93 1.54
C ASP B 17 9.72 0.28 0.96
N GLY B 18 10.36 1.07 1.83
CA GLY B 18 11.03 2.29 1.41
C GLY B 18 10.14 3.51 1.48
N GLY B 19 8.88 3.30 1.86
CA GLY B 19 7.92 4.40 1.87
C GLY B 19 8.25 5.45 2.92
N MET B 20 8.14 6.71 2.53
CA MET B 20 8.31 7.83 3.45
C MET B 20 7.13 8.75 3.20
N PHE B 21 6.22 8.81 4.18
CA PHE B 21 4.99 9.58 3.99
C PHE B 21 5.19 10.97 4.56
N TYR B 22 4.92 11.99 3.75
CA TYR B 22 5.01 13.38 4.18
C TYR B 22 3.63 14.00 4.13
N ASP B 23 3.26 14.78 5.16
CA ASP B 23 2.07 15.62 5.08
C ASP B 23 2.42 17.11 4.86
N GLN B 24 1.45 17.97 5.13
CA GLN B 24 1.57 19.40 4.87
C GLN B 24 2.14 20.18 6.04
N THR B 25 2.40 19.51 7.16
CA THR B 25 2.71 20.21 8.41
C THR B 25 4.12 19.94 8.95
N GLY B 26 4.90 19.12 8.24
CA GLY B 26 6.23 18.79 8.68
C GLY B 26 6.32 17.45 9.41
N ASN B 27 5.21 16.72 9.45
CA ASN B 27 5.20 15.40 10.08
C ASN B 27 5.60 14.34 9.05
N GLU B 28 5.93 13.16 9.55
CA GLU B 28 6.43 12.08 8.69
C GLU B 28 6.02 10.73 9.28
N TRP B 29 5.79 9.75 8.41
CA TRP B 29 5.40 8.42 8.85
C TRP B 29 6.29 7.37 8.22
N LYS B 30 6.40 6.23 8.90
CA LYS B 30 6.80 4.99 8.24
C LYS B 30 5.75 3.92 8.53
N LYS B 31 5.64 2.96 7.62
CA LYS B 31 4.74 1.84 7.80
C LYS B 31 5.59 0.59 8.09
N PHE B 32 5.48 0.08 9.32
CA PHE B 32 6.15 -1.15 9.73
C PHE B 32 5.22 -2.34 9.53
N ASN B 33 5.77 -3.55 9.59
CA ASN B 33 4.95 -4.78 9.50
C ASN B 33 5.08 -5.55 10.81
N THR B 34 3.95 -5.76 11.49
CA THR B 34 3.99 -6.51 12.74
C THR B 34 4.72 -7.86 12.64
N SER B 35 4.71 -8.46 11.44
CA SER B 35 5.40 -9.74 11.23
C SER B 35 6.87 -9.69 11.65
N ASP B 36 7.51 -8.54 11.47
CA ASP B 36 8.94 -8.43 11.74
C ASP B 36 9.29 -8.55 13.22
N SER B 37 8.32 -8.30 14.10
N SER B 37 8.31 -8.32 14.08
CA SER B 37 8.59 -8.42 15.53
CA SER B 37 8.53 -8.42 15.52
C SER B 37 9.03 -9.86 15.86
C SER B 37 8.94 -9.85 15.90
N ALA B 38 8.53 -10.83 15.10
CA ALA B 38 8.91 -12.22 15.33
C ALA B 38 10.42 -12.42 15.11
N GLY B 39 11.01 -11.56 14.28
CA GLY B 39 12.45 -11.58 14.10
C GLY B 39 13.19 -11.31 15.41
N ILE B 40 12.71 -10.32 16.16
CA ILE B 40 13.28 -10.08 17.47
C ILE B 40 13.01 -11.23 18.43
N PHE B 41 11.77 -11.75 18.42
CA PHE B 41 11.43 -12.91 19.27
C PHE B 41 12.41 -14.07 19.05
N TRP B 42 12.62 -14.47 17.80
CA TRP B 42 13.48 -15.61 17.53
C TRP B 42 14.93 -15.33 17.95
N ALA B 43 15.41 -14.12 17.66
CA ALA B 43 16.77 -13.77 18.03
C ALA B 43 16.97 -13.83 19.55
N HIS B 44 16.06 -13.21 20.30
CA HIS B 44 16.13 -13.22 21.74
C HIS B 44 15.94 -14.62 22.32
N ASN B 45 15.14 -15.43 21.64
CA ASN B 45 14.91 -16.82 22.02
C ASN B 45 16.20 -17.65 21.94
N LYS B 46 17.08 -17.26 21.02
CA LYS B 46 18.37 -17.91 20.83
C LYS B 46 19.50 -17.15 21.54
N GLY B 47 19.16 -16.12 22.29
CA GLY B 47 20.14 -15.38 23.08
C GLY B 47 21.00 -14.39 22.29
N ILE B 48 20.49 -13.94 21.15
N ILE B 48 20.48 -13.95 21.15
CA ILE B 48 21.25 -13.07 20.26
CA ILE B 48 21.23 -13.08 20.24
C ILE B 48 20.68 -11.66 20.20
C ILE B 48 20.67 -11.66 20.23
N PRO B 49 21.54 -10.65 20.45
CA PRO B 49 21.05 -9.25 20.42
C PRO B 49 20.81 -8.78 18.99
N VAL B 50 19.92 -7.80 18.86
CA VAL B 50 19.63 -7.18 17.57
C VAL B 50 19.93 -5.69 17.67
N GLY B 51 20.55 -5.15 16.62
CA GLY B 51 20.81 -3.71 16.56
C GLY B 51 20.32 -3.13 15.25
N ILE B 52 19.82 -1.91 15.32
CA ILE B 52 19.46 -1.13 14.14
C ILE B 52 20.58 -0.16 13.78
N LEU B 53 20.96 -0.15 12.51
CA LEU B 53 21.83 0.90 11.95
C LEU B 53 21.06 1.61 10.86
N THR B 54 20.76 2.89 11.04
CA THR B 54 20.03 3.63 9.99
C THR B 54 20.64 5.03 9.78
N GLY B 55 20.65 5.48 8.52
CA GLY B 55 21.13 6.83 8.19
C GLY B 55 20.14 7.94 8.51
N GLU B 56 18.86 7.59 8.60
CA GLU B 56 17.81 8.54 9.01
C GLU B 56 17.86 8.72 10.52
N LYS B 57 17.22 9.77 11.04
CA LYS B 57 17.11 9.91 12.48
C LYS B 57 15.71 10.44 12.79
N THR B 58 14.87 9.60 13.37
CA THR B 58 13.46 9.95 13.58
C THR B 58 12.93 9.48 14.93
N GLU B 59 11.90 10.15 15.42
CA GLU B 59 11.15 9.65 16.57
C GLU B 59 10.38 8.37 16.18
N ILE B 60 9.97 8.30 14.90
CA ILE B 60 9.30 7.13 14.36
C ILE B 60 10.07 5.87 14.73
N VAL B 61 11.36 5.87 14.43
CA VAL B 61 12.18 4.68 14.69
C VAL B 61 12.55 4.50 16.18
N ARG B 62 12.76 5.59 16.92
CA ARG B 62 12.91 5.45 18.37
C ARG B 62 11.73 4.66 18.93
N ARG B 63 10.53 5.07 18.52
CA ARG B 63 9.31 4.45 19.04
C ARG B 63 9.22 2.98 18.64
N ARG B 64 9.57 2.68 17.39
CA ARG B 64 9.46 1.29 16.93
C ARG B 64 10.51 0.41 17.58
N ALA B 65 11.71 0.92 17.72
CA ALA B 65 12.76 0.21 18.45
C ALA B 65 12.36 -0.07 19.91
N GLU B 66 11.74 0.90 20.57
CA GLU B 66 11.27 0.69 21.93
C GLU B 66 10.20 -0.42 21.98
N LYS B 67 9.22 -0.32 21.09
CA LYS B 67 8.10 -1.26 21.06
C LYS B 67 8.59 -2.71 20.90
N LEU B 68 9.61 -2.89 20.07
CA LEU B 68 10.13 -4.23 19.75
C LEU B 68 11.29 -4.70 20.66
N LYS B 69 11.65 -3.88 21.64
CA LYS B 69 12.72 -4.20 22.57
C LYS B 69 14.07 -4.48 21.87
N VAL B 70 14.35 -3.70 20.84
CA VAL B 70 15.60 -3.85 20.09
C VAL B 70 16.77 -3.45 21.01
N ASP B 71 17.85 -4.22 20.96
CA ASP B 71 18.94 -4.06 21.94
C ASP B 71 19.77 -2.81 21.70
N TYR B 72 20.06 -2.55 20.43
CA TYR B 72 20.84 -1.37 20.05
C TYR B 72 20.13 -0.56 18.99
N LEU B 73 20.23 0.75 19.11
CA LEU B 73 19.65 1.66 18.12
C LEU B 73 20.66 2.74 17.78
N PHE B 74 21.18 2.72 16.55
CA PHE B 74 22.06 3.78 16.09
C PHE B 74 21.40 4.47 14.89
N GLN B 75 21.12 5.76 15.04
CA GLN B 75 20.55 6.57 13.95
C GLN B 75 21.51 7.64 13.44
N GLY B 76 21.20 8.25 12.30
CA GLY B 76 22.08 9.24 11.71
C GLY B 76 23.47 8.69 11.39
N VAL B 77 23.55 7.39 11.17
CA VAL B 77 24.83 6.74 10.88
C VAL B 77 25.27 7.06 9.46
N VAL B 78 26.44 7.66 9.30
CA VAL B 78 26.94 7.93 7.96
C VAL B 78 27.84 6.82 7.42
N ASP B 79 28.50 6.11 8.32
CA ASP B 79 29.42 5.03 7.93
C ASP B 79 29.04 3.76 8.70
N LYS B 80 28.23 2.92 8.06
CA LYS B 80 27.70 1.75 8.75
C LYS B 80 28.76 0.69 9.02
N LEU B 81 29.74 0.56 8.13
CA LEU B 81 30.81 -0.38 8.40
C LEU B 81 31.57 0.00 9.68
N SER B 82 31.90 1.29 9.80
N SER B 82 31.91 1.29 9.79
CA SER B 82 32.63 1.76 10.97
CA SER B 82 32.62 1.78 10.97
C SER B 82 31.82 1.62 12.25
C SER B 82 31.80 1.56 12.23
N ALA B 83 30.52 1.90 12.17
CA ALA B 83 29.64 1.75 13.32
C ALA B 83 29.61 0.29 13.75
N ALA B 84 29.48 -0.62 12.78
CA ALA B 84 29.43 -2.04 13.09
C ALA B 84 30.74 -2.54 13.69
N GLU B 85 31.88 -2.08 13.13
CA GLU B 85 33.16 -2.51 13.64
C GLU B 85 33.32 -2.03 15.07
N GLU B 86 32.91 -0.80 15.34
CA GLU B 86 33.03 -0.25 16.69
C GLU B 86 32.18 -1.04 17.68
N LEU B 87 30.95 -1.36 17.27
CA LEU B 87 30.05 -2.15 18.11
C LEU B 87 30.63 -3.55 18.36
N CYS B 88 31.15 -4.16 17.29
CA CYS B 88 31.79 -5.47 17.44
C CYS B 88 32.95 -5.45 18.41
N ASN B 89 33.80 -4.43 18.31
CA ASN B 89 34.95 -4.29 19.20
C ASN B 89 34.47 -4.25 20.64
N GLU B 90 33.39 -3.49 20.88
CA GLU B 90 32.80 -3.35 22.21
C GLU B 90 32.27 -4.68 22.74
N LEU B 91 31.64 -5.45 21.87
CA LEU B 91 31.08 -6.74 22.25
C LEU B 91 32.10 -7.87 22.25
N GLY B 92 33.29 -7.61 21.74
CA GLY B 92 34.31 -8.64 21.61
C GLY B 92 33.99 -9.72 20.58
N ILE B 93 33.36 -9.32 19.49
CA ILE B 93 33.11 -10.24 18.40
C ILE B 93 33.72 -9.69 17.12
N ASN B 94 33.72 -10.48 16.05
CA ASN B 94 34.18 -9.95 14.78
C ASN B 94 33.06 -9.97 13.76
N LEU B 95 33.26 -9.28 12.65
CA LEU B 95 32.21 -9.14 11.64
C LEU B 95 31.74 -10.46 11.05
N GLU B 96 32.59 -11.49 11.06
CA GLU B 96 32.22 -12.79 10.52
C GLU B 96 31.14 -13.45 11.37
N GLN B 97 30.96 -12.96 12.59
CA GLN B 97 29.92 -13.46 13.48
C GLN B 97 28.68 -12.56 13.47
N VAL B 98 28.61 -11.66 12.50
CA VAL B 98 27.46 -10.77 12.35
C VAL B 98 26.64 -11.15 11.13
N ALA B 99 25.32 -11.08 11.27
CA ALA B 99 24.41 -11.13 10.13
C ALA B 99 23.81 -9.75 9.97
N TYR B 100 23.92 -9.19 8.77
CA TYR B 100 23.39 -7.86 8.49
C TYR B 100 22.49 -7.89 7.27
N ILE B 101 21.35 -7.22 7.38
CA ILE B 101 20.44 -7.05 6.26
C ILE B 101 20.26 -5.56 5.90
N GLY B 102 20.47 -5.24 4.63
CA GLY B 102 20.35 -3.86 4.15
C GLY B 102 19.91 -3.87 2.69
N ASP B 103 19.62 -2.72 2.10
CA ASP B 103 19.04 -2.72 0.76
C ASP B 103 19.61 -1.71 -0.23
N ASP B 104 20.57 -0.89 0.20
CA ASP B 104 20.98 0.20 -0.67
C ASP B 104 22.44 0.59 -0.55
N LEU B 105 22.81 1.65 -1.27
CA LEU B 105 24.21 2.05 -1.40
C LEU B 105 24.92 2.19 -0.07
N ASN B 106 24.25 2.82 0.91
CA ASN B 106 24.89 3.02 2.21
C ASN B 106 25.12 1.72 3.02
N ASP B 107 24.61 0.60 2.51
CA ASP B 107 24.75 -0.71 3.19
C ASP B 107 25.83 -1.58 2.57
N ALA B 108 26.33 -1.20 1.40
CA ALA B 108 27.13 -2.12 0.61
C ALA B 108 28.45 -2.51 1.29
N LYS B 109 29.15 -1.54 1.84
CA LYS B 109 30.45 -1.85 2.44
C LYS B 109 30.32 -2.84 3.59
N LEU B 110 29.30 -2.66 4.42
CA LEU B 110 29.11 -3.55 5.55
C LEU B 110 28.64 -4.92 5.06
N LEU B 111 27.76 -4.93 4.06
CA LEU B 111 27.23 -6.19 3.54
C LEU B 111 28.36 -7.08 3.03
N LYS B 112 29.39 -6.45 2.48
CA LYS B 112 30.53 -7.19 1.94
C LYS B 112 31.47 -7.77 3.01
N ARG B 113 31.31 -7.35 4.25
CA ARG B 113 32.22 -7.73 5.31
C ARG B 113 31.63 -8.66 6.38
N VAL B 114 30.31 -8.77 6.43
CA VAL B 114 29.67 -9.58 7.47
C VAL B 114 29.66 -11.08 7.15
N GLY B 115 29.40 -11.90 8.16
CA GLY B 115 29.40 -13.35 7.99
C GLY B 115 28.23 -13.83 7.16
N ILE B 116 27.07 -13.23 7.39
CA ILE B 116 25.90 -13.47 6.56
C ILE B 116 25.27 -12.14 6.16
N ALA B 117 25.17 -11.93 4.86
CA ALA B 117 24.56 -10.71 4.33
C ALA B 117 23.19 -11.04 3.72
N GLY B 118 22.17 -10.29 4.11
CA GLY B 118 20.86 -10.43 3.52
C GLY B 118 20.43 -9.15 2.81
N VAL B 119 19.74 -9.31 1.68
CA VAL B 119 19.21 -8.16 0.95
C VAL B 119 17.80 -8.51 0.46
N PRO B 120 16.81 -7.64 0.70
CA PRO B 120 15.43 -7.98 0.27
C PRO B 120 15.32 -8.08 -1.26
N ALA B 121 14.29 -8.77 -1.70
CA ALA B 121 14.05 -9.03 -3.12
C ALA B 121 13.77 -7.73 -3.88
N SER B 122 13.33 -6.71 -3.16
CA SER B 122 12.95 -5.42 -3.75
C SER B 122 14.14 -4.48 -4.02
N ALA B 123 15.33 -4.87 -3.57
CA ALA B 123 16.49 -3.99 -3.64
C ALA B 123 17.10 -3.89 -5.03
N PRO B 124 17.88 -2.80 -5.26
CA PRO B 124 18.62 -2.65 -6.51
C PRO B 124 19.48 -3.88 -6.77
N PHE B 125 19.58 -4.22 -8.04
CA PHE B 125 20.32 -5.40 -8.43
C PHE B 125 21.75 -5.44 -7.91
N TYR B 126 22.46 -4.31 -7.94
CA TYR B 126 23.87 -4.37 -7.51
C TYR B 126 24.04 -4.51 -5.99
N ILE B 127 22.97 -4.28 -5.22
CA ILE B 127 22.99 -4.58 -3.80
C ILE B 127 22.53 -6.03 -3.57
N ARG B 128 21.48 -6.42 -4.27
CA ARG B 128 20.92 -7.77 -4.13
C ARG B 128 21.98 -8.85 -4.35
N ARG B 129 22.89 -8.61 -5.30
CA ARG B 129 23.92 -9.60 -5.60
C ARG B 129 24.94 -9.78 -4.48
N LEU B 130 24.94 -8.85 -3.52
CA LEU B 130 25.79 -8.97 -2.34
C LEU B 130 25.21 -9.92 -1.29
N SER B 131 23.91 -10.20 -1.38
CA SER B 131 23.28 -11.13 -0.42
C SER B 131 23.96 -12.48 -0.47
N THR B 132 24.24 -13.07 0.69
CA THR B 132 24.82 -14.43 0.70
C THR B 132 23.78 -15.52 0.96
N ILE B 133 22.55 -15.12 1.25
CA ILE B 133 21.42 -16.04 1.34
C ILE B 133 20.27 -15.51 0.48
N PHE B 134 19.47 -16.41 -0.05
CA PHE B 134 18.32 -15.97 -0.83
C PHE B 134 17.20 -15.53 0.10
N LEU B 135 16.68 -14.32 -0.10
CA LEU B 135 15.48 -13.85 0.58
C LEU B 135 14.38 -13.61 -0.43
N GLU B 136 13.23 -14.26 -0.24
CA GLU B 136 12.11 -14.14 -1.16
C GLU B 136 11.31 -12.86 -0.95
N LYS B 137 11.26 -12.38 0.29
CA LYS B 137 10.38 -11.26 0.61
C LYS B 137 10.97 -9.89 0.28
N ARG B 138 10.05 -8.95 0.07
CA ARG B 138 10.40 -7.58 -0.24
C ARG B 138 10.43 -6.75 1.04
N GLY B 139 11.02 -5.56 0.96
CA GLY B 139 11.01 -4.64 2.10
C GLY B 139 9.59 -4.40 2.54
N GLY B 140 9.35 -4.48 3.84
CA GLY B 140 8.05 -4.21 4.41
C GLY B 140 7.11 -5.41 4.40
N GLU B 141 7.55 -6.52 3.80
CA GLU B 141 6.70 -7.71 3.69
C GLU B 141 7.00 -8.75 4.74
N GLY B 142 7.85 -8.42 5.70
CA GLY B 142 8.28 -9.38 6.72
C GLY B 142 9.63 -9.98 6.39
N VAL B 143 10.44 -9.24 5.63
CA VAL B 143 11.75 -9.74 5.21
C VAL B 143 12.77 -9.76 6.37
N PHE B 144 12.59 -8.91 7.37
CA PHE B 144 13.47 -9.01 8.52
C PHE B 144 13.21 -10.33 9.25
N ARG B 145 11.93 -10.67 9.44
CA ARG B 145 11.58 -11.96 10.02
C ARG B 145 12.17 -13.11 9.18
N GLU B 146 12.01 -13.03 7.88
CA GLU B 146 12.53 -14.09 7.00
C GLU B 146 14.04 -14.25 7.18
N PHE B 147 14.76 -13.12 7.21
CA PHE B 147 16.20 -13.12 7.39
C PHE B 147 16.58 -13.80 8.71
N VAL B 148 15.96 -13.39 9.81
CA VAL B 148 16.30 -13.99 11.10
C VAL B 148 16.02 -15.50 11.13
N GLU B 149 14.85 -15.89 10.63
CA GLU B 149 14.47 -17.30 10.64
C GLU B 149 15.46 -18.13 9.83
N LYS B 150 15.94 -17.58 8.72
CA LYS B 150 16.92 -18.31 7.91
C LYS B 150 18.29 -18.32 8.59
N VAL B 151 18.71 -17.16 9.09
CA VAL B 151 20.02 -17.07 9.72
C VAL B 151 20.14 -17.99 10.93
N LEU B 152 19.07 -18.09 11.73
CA LEU B 152 19.09 -18.91 12.95
C LEU B 152 18.56 -20.33 12.75
N GLY B 153 18.18 -20.68 11.52
CA GLY B 153 17.71 -22.02 11.24
C GLY B 153 16.46 -22.43 12.00
N ILE B 154 15.53 -21.49 12.12
CA ILE B 154 14.27 -21.75 12.80
C ILE B 154 13.47 -22.74 11.96
N ASN B 155 13.08 -23.86 12.56
CA ASN B 155 12.38 -24.91 11.83
C ASN B 155 11.06 -25.23 12.53
N LEU B 156 10.31 -26.18 11.96
CA LEU B 156 9.01 -26.53 12.54
C LEU B 156 9.15 -26.97 14.01
N GLU B 157 10.21 -27.71 14.32
CA GLU B 157 10.41 -28.15 15.70
C GLU B 157 10.52 -26.96 16.66
N ASP B 158 11.19 -25.90 16.23
CA ASP B 158 11.33 -24.71 17.07
C ASP B 158 9.96 -24.07 17.33
N PHE B 159 9.15 -24.01 16.27
CA PHE B 159 7.82 -23.46 16.36
C PHE B 159 6.97 -24.27 17.33
N ILE B 160 7.00 -25.58 17.17
CA ILE B 160 6.20 -26.44 18.00
C ILE B 160 6.57 -26.24 19.48
N ALA B 161 7.86 -26.10 19.73
CA ALA B 161 8.36 -25.95 21.08
C ALA B 161 7.89 -24.65 21.74
N VAL B 162 7.71 -23.60 20.94
CA VAL B 162 7.29 -22.30 21.51
C VAL B 162 5.77 -22.14 21.68
N ILE B 163 4.97 -22.97 21.01
CA ILE B 163 3.51 -22.83 21.14
C ILE B 163 2.92 -23.87 22.09
N GLN B 164 3.78 -24.61 22.78
CA GLN B 164 3.33 -25.49 23.85
C GLN B 164 3.36 -24.73 25.17
N MET C 1 -20.52 1.90 -28.51
CA MET C 1 -20.94 1.93 -27.12
C MET C 1 -22.30 2.61 -26.99
N LYS C 2 -23.12 2.14 -26.05
CA LYS C 2 -24.41 2.76 -25.75
C LYS C 2 -24.25 4.25 -25.49
N GLU C 3 -25.29 5.02 -25.81
CA GLU C 3 -25.32 6.44 -25.49
C GLU C 3 -25.44 6.66 -23.99
N ILE C 4 -24.55 7.47 -23.43
CA ILE C 4 -24.52 7.69 -21.99
C ILE C 4 -24.67 9.17 -21.70
N LYS C 5 -25.57 9.51 -20.77
CA LYS C 5 -25.82 10.91 -20.45
C LYS C 5 -25.42 11.28 -19.04
N LEU C 6 -25.03 10.27 -18.25
CA LEU C 6 -24.62 10.52 -16.88
C LEU C 6 -23.72 9.39 -16.42
N ILE C 7 -22.62 9.74 -15.76
CA ILE C 7 -21.75 8.74 -15.16
C ILE C 7 -21.81 8.85 -13.64
N LEU C 8 -22.10 7.73 -12.98
CA LEU C 8 -22.18 7.71 -11.53
C LEU C 8 -21.15 6.73 -10.98
N THR C 9 -20.68 6.98 -9.76
CA THR C 9 -19.61 6.16 -9.19
C THR C 9 -19.71 6.09 -7.66
N ASP C 10 -19.45 4.90 -7.14
CA ASP C 10 -19.13 4.71 -5.73
C ASP C 10 -17.71 5.24 -5.43
N ILE C 11 -17.38 5.33 -4.15
CA ILE C 11 -16.04 5.74 -3.78
C ILE C 11 -15.22 4.56 -3.23
N ASP C 12 -15.61 4.04 -2.08
CA ASP C 12 -14.77 3.04 -1.41
C ASP C 12 -14.71 1.76 -2.22
N GLY C 13 -13.50 1.32 -2.58
CA GLY C 13 -13.37 0.12 -3.39
C GLY C 13 -13.41 0.39 -4.89
N VAL C 14 -13.67 1.64 -5.27
CA VAL C 14 -13.59 2.04 -6.67
C VAL C 14 -12.50 3.11 -6.82
N TRP C 15 -12.74 4.26 -6.20
CA TRP C 15 -11.74 5.33 -6.17
C TRP C 15 -10.62 5.03 -5.18
N THR C 16 -10.83 4.00 -4.37
CA THR C 16 -9.82 3.51 -3.42
C THR C 16 -9.78 1.99 -3.48
N ASP C 17 -8.78 1.38 -2.85
CA ASP C 17 -8.75 -0.08 -2.74
C ASP C 17 -9.58 -0.61 -1.58
N GLY C 18 -10.50 0.22 -1.08
CA GLY C 18 -11.30 -0.12 0.08
C GLY C 18 -10.66 0.28 1.40
N GLY C 19 -9.45 0.81 1.35
CA GLY C 19 -8.72 1.18 2.56
C GLY C 19 -9.39 2.28 3.35
N MET C 20 -9.48 2.07 4.66
CA MET C 20 -9.97 3.09 5.57
C MET C 20 -8.95 3.18 6.70
N PHE C 21 -8.23 4.29 6.76
CA PHE C 21 -7.13 4.44 7.71
C PHE C 21 -7.66 5.13 8.96
N TYR C 22 -7.44 4.50 10.12
CA TYR C 22 -7.87 5.06 11.40
C TYR C 22 -6.64 5.35 12.24
N ASP C 23 -6.65 6.48 12.94
CA ASP C 23 -5.61 6.78 13.93
C ASP C 23 -6.18 6.69 15.35
N GLN C 24 -5.42 7.20 16.32
CA GLN C 24 -5.78 7.10 17.74
C GLN C 24 -6.67 8.24 18.21
N THR C 25 -6.97 9.18 17.32
CA THR C 25 -7.62 10.44 17.73
C THR C 25 -9.02 10.65 17.16
N GLY C 26 -9.49 9.72 16.34
CA GLY C 26 -10.81 9.82 15.74
C GLY C 26 -10.76 10.37 14.33
N ASN C 27 -9.55 10.59 13.82
CA ASN C 27 -9.38 11.04 12.44
C ASN C 27 -9.43 9.84 11.49
N GLU C 28 -9.55 10.13 10.20
CA GLU C 28 -9.71 9.07 9.21
C GLU C 28 -9.11 9.52 7.88
N TRP C 29 -8.55 8.57 7.11
CA TRP C 29 -8.04 8.88 5.79
C TRP C 29 -8.61 7.97 4.72
N LYS C 30 -8.64 8.46 3.48
CA LYS C 30 -8.70 7.57 2.32
C LYS C 30 -7.55 7.92 1.40
N LYS C 31 -7.14 6.95 0.59
CA LYS C 31 -6.10 7.15 -0.41
C LYS C 31 -6.74 7.13 -1.80
N PHE C 32 -6.77 8.30 -2.44
CA PHE C 32 -7.25 8.41 -3.82
C PHE C 32 -6.09 8.22 -4.80
N ASN C 33 -6.42 8.08 -6.08
CA ASN C 33 -5.40 7.98 -7.13
C ASN C 33 -5.58 9.11 -8.12
N THR C 34 -4.54 9.92 -8.31
CA THR C 34 -4.65 11.06 -9.22
C THR C 34 -5.07 10.65 -10.63
N SER C 35 -4.79 9.40 -10.99
CA SER C 35 -5.17 8.90 -12.32
C SER C 35 -6.67 9.01 -12.57
N ASP C 36 -7.46 8.84 -11.51
CA ASP C 36 -8.92 8.89 -11.69
C ASP C 36 -9.43 10.27 -12.07
N SER C 37 -8.65 11.32 -11.83
N SER C 37 -8.64 11.30 -11.83
CA SER C 37 -9.08 12.66 -12.21
CA SER C 37 -9.03 12.65 -12.20
C SER C 37 -9.30 12.74 -13.72
C SER C 37 -9.25 12.78 -13.71
N ALA C 38 -8.52 11.97 -14.49
CA ALA C 38 -8.71 11.97 -15.93
C ALA C 38 -10.10 11.43 -16.33
N GLY C 39 -10.71 10.63 -15.46
CA GLY C 39 -12.07 10.18 -15.74
C GLY C 39 -13.01 11.38 -15.80
N ILE C 40 -12.83 12.31 -14.87
CA ILE C 40 -13.64 13.51 -14.89
C ILE C 40 -13.32 14.32 -16.13
N PHE C 41 -12.03 14.44 -16.43
CA PHE C 41 -11.63 15.19 -17.62
C PHE C 41 -12.31 14.69 -18.89
N TRP C 42 -12.26 13.37 -19.11
CA TRP C 42 -12.87 12.82 -20.32
C TRP C 42 -14.37 13.03 -20.34
N ALA C 43 -15.04 12.81 -19.20
CA ALA C 43 -16.49 13.00 -19.13
C ALA C 43 -16.87 14.43 -19.50
N HIS C 44 -16.23 15.39 -18.83
CA HIS C 44 -16.51 16.79 -19.10
C HIS C 44 -16.14 17.20 -20.53
N ASN C 45 -15.08 16.60 -21.06
CA ASN C 45 -14.67 16.81 -22.45
C ASN C 45 -15.80 16.43 -23.42
N LYS C 46 -16.60 15.45 -23.02
CA LYS C 46 -17.71 14.97 -23.84
C LYS C 46 -19.06 15.54 -23.39
N GLY C 47 -19.03 16.52 -22.48
CA GLY C 47 -20.25 17.15 -22.01
C GLY C 47 -21.12 16.31 -21.08
N ILE C 48 -20.51 15.36 -20.39
CA ILE C 48 -21.23 14.42 -19.51
C ILE C 48 -20.96 14.70 -18.04
N PRO C 49 -22.02 14.87 -17.23
CA PRO C 49 -21.78 15.10 -15.81
C PRO C 49 -21.40 13.82 -15.06
N VAL C 50 -20.71 13.98 -13.95
CA VAL C 50 -20.34 12.86 -13.10
C VAL C 50 -20.93 13.06 -11.72
N GLY C 51 -21.54 12.00 -11.17
CA GLY C 51 -22.04 12.05 -9.80
C GLY C 51 -21.45 10.94 -8.93
N ILE C 52 -21.26 11.27 -7.66
CA ILE C 52 -20.79 10.31 -6.66
C ILE C 52 -21.95 9.90 -5.78
N LEU C 53 -22.13 8.59 -5.60
CA LEU C 53 -23.08 8.04 -4.64
C LEU C 53 -22.32 7.18 -3.66
N THR C 54 -22.23 7.61 -2.41
CA THR C 54 -21.53 6.83 -1.39
C THR C 54 -22.37 6.71 -0.13
N GLY C 55 -22.25 5.57 0.55
CA GLY C 55 -22.98 5.34 1.79
C GLY C 55 -22.27 5.93 3.00
N GLU C 56 -20.97 6.23 2.84
CA GLU C 56 -20.21 6.93 3.87
C GLU C 56 -20.52 8.43 3.79
N LYS C 57 -20.20 9.16 4.85
CA LYS C 57 -20.29 10.63 4.78
C LYS C 57 -19.08 11.21 5.47
N THR C 58 -18.18 11.81 4.69
CA THR C 58 -16.92 12.29 5.21
C THR C 58 -16.51 13.63 4.59
N GLU C 59 -15.73 14.39 5.35
CA GLU C 59 -15.06 15.56 4.82
C GLU C 59 -14.02 15.13 3.79
N ILE C 60 -13.46 13.95 3.98
CA ILE C 60 -12.50 13.37 3.05
C ILE C 60 -13.06 13.43 1.63
N VAL C 61 -14.25 12.88 1.47
CA VAL C 61 -14.87 12.80 0.15
C VAL C 61 -15.41 14.14 -0.35
N ARG C 62 -15.94 14.95 0.57
CA ARG C 62 -16.38 16.30 0.20
C ARG C 62 -15.21 17.07 -0.44
N ARG C 63 -14.04 16.99 0.19
CA ARG C 63 -12.89 17.71 -0.32
C ARG C 63 -12.40 17.15 -1.66
N ARG C 64 -12.41 15.83 -1.79
CA ARG C 64 -11.91 15.21 -3.02
C ARG C 64 -12.84 15.54 -4.18
N ALA C 65 -14.14 15.48 -3.91
CA ALA C 65 -15.15 15.81 -4.92
C ALA C 65 -14.99 17.24 -5.41
N GLU C 66 -14.75 18.17 -4.48
CA GLU C 66 -14.58 19.57 -4.85
C GLU C 66 -13.33 19.73 -5.70
N LYS C 67 -12.25 19.08 -5.30
CA LYS C 67 -10.97 19.17 -6.01
C LYS C 67 -11.12 18.75 -7.46
N LEU C 68 -11.92 17.72 -7.69
CA LEU C 68 -12.11 17.17 -9.04
C LEU C 68 -13.30 17.77 -9.78
N LYS C 69 -13.97 18.74 -9.16
CA LYS C 69 -15.10 19.42 -9.81
C LYS C 69 -16.19 18.46 -10.24
N VAL C 70 -16.42 17.46 -9.41
CA VAL C 70 -17.53 16.54 -9.65
C VAL C 70 -18.87 17.29 -9.62
N ASP C 71 -19.76 16.96 -10.56
CA ASP C 71 -21.01 17.69 -10.70
C ASP C 71 -22.01 17.44 -9.57
N TYR C 72 -22.06 16.20 -9.08
CA TYR C 72 -23.00 15.87 -8.02
C TYR C 72 -22.30 15.03 -6.96
N LEU C 73 -22.58 15.33 -5.69
CA LEU C 73 -22.10 14.52 -4.59
C LEU C 73 -23.25 14.17 -3.65
N PHE C 74 -23.55 12.89 -3.55
CA PHE C 74 -24.51 12.41 -2.56
C PHE C 74 -23.83 11.49 -1.55
N GLN C 75 -23.78 11.92 -0.30
CA GLN C 75 -23.22 11.08 0.77
C GLN C 75 -24.29 10.50 1.69
N GLY C 76 -23.90 9.52 2.50
CA GLY C 76 -24.84 8.87 3.42
C GLY C 76 -26.03 8.29 2.68
N VAL C 77 -25.81 7.83 1.46
CA VAL C 77 -26.89 7.27 0.65
C VAL C 77 -27.25 5.87 1.15
N VAL C 78 -28.54 5.64 1.43
CA VAL C 78 -28.98 4.33 1.92
C VAL C 78 -29.57 3.47 0.80
N ASP C 79 -29.99 4.12 -0.28
CA ASP C 79 -30.66 3.46 -1.39
C ASP C 79 -30.14 4.06 -2.68
N LYS C 80 -29.08 3.48 -3.23
CA LYS C 80 -28.44 4.06 -4.40
C LYS C 80 -29.31 4.03 -5.66
N LEU C 81 -30.14 2.99 -5.80
CA LEU C 81 -31.04 2.93 -6.95
C LEU C 81 -32.01 4.11 -6.91
N SER C 82 -32.65 4.31 -5.76
CA SER C 82 -33.59 5.42 -5.63
C SER C 82 -32.89 6.75 -5.91
N ALA C 83 -31.70 6.91 -5.34
CA ALA C 83 -30.93 8.13 -5.53
C ALA C 83 -30.62 8.39 -7.00
N ALA C 84 -30.24 7.33 -7.71
CA ALA C 84 -29.94 7.43 -9.14
C ALA C 84 -31.20 7.73 -9.94
N GLU C 85 -32.30 7.06 -9.59
CA GLU C 85 -33.57 7.32 -10.27
C GLU C 85 -34.01 8.77 -10.10
N GLU C 86 -33.88 9.28 -8.89
CA GLU C 86 -34.29 10.65 -8.60
C GLU C 86 -33.45 11.67 -9.39
N LEU C 87 -32.15 11.44 -9.45
CA LEU C 87 -31.28 12.31 -10.25
C LEU C 87 -31.64 12.24 -11.74
N CYS C 88 -31.94 11.04 -12.22
CA CYS C 88 -32.35 10.86 -13.62
C CYS C 88 -33.60 11.67 -13.93
N ASN C 89 -34.58 11.58 -13.04
CA ASN C 89 -35.80 12.38 -13.17
C ASN C 89 -35.47 13.87 -13.28
N GLU C 90 -34.64 14.36 -12.36
CA GLU C 90 -34.24 15.77 -12.39
C GLU C 90 -33.55 16.15 -13.70
N LEU C 91 -32.84 15.19 -14.30
CA LEU C 91 -32.07 15.47 -15.51
C LEU C 91 -32.84 15.18 -16.80
N GLY C 92 -33.98 14.51 -16.68
CA GLY C 92 -34.75 14.15 -17.85
C GLY C 92 -34.14 13.00 -18.64
N ILE C 93 -33.51 12.07 -17.92
CA ILE C 93 -32.95 10.88 -18.56
C ILE C 93 -33.47 9.63 -17.87
N ASN C 94 -33.15 8.45 -18.41
CA ASN C 94 -33.52 7.21 -17.75
C ASN C 94 -32.28 6.38 -17.42
N LEU C 95 -32.44 5.38 -16.57
CA LEU C 95 -31.29 4.58 -16.12
C LEU C 95 -30.52 3.91 -17.27
N GLU C 96 -31.21 3.63 -18.37
CA GLU C 96 -30.54 3.02 -19.52
C GLU C 96 -29.48 3.96 -20.11
N GLN C 97 -29.56 5.24 -19.74
CA GLN C 97 -28.59 6.24 -20.20
C GLN C 97 -27.51 6.55 -19.16
N VAL C 98 -27.48 5.76 -18.10
CA VAL C 98 -26.50 5.94 -17.04
C VAL C 98 -25.45 4.84 -17.09
N ALA C 99 -24.19 5.21 -16.85
CA ALA C 99 -23.13 4.26 -16.57
C ALA C 99 -22.79 4.37 -15.09
N TYR C 100 -22.79 3.23 -14.39
CA TYR C 100 -22.48 3.24 -12.95
C TYR C 100 -21.40 2.22 -12.64
N ILE C 101 -20.47 2.60 -11.78
CA ILE C 101 -19.45 1.67 -11.30
C ILE C 101 -19.48 1.58 -9.76
N GLY C 102 -19.56 0.35 -9.26
CA GLY C 102 -19.58 0.07 -7.83
C GLY C 102 -18.93 -1.27 -7.57
N ASP C 103 -18.74 -1.63 -6.30
CA ASP C 103 -17.98 -2.85 -6.00
C ASP C 103 -18.60 -3.78 -4.93
N ASP C 104 -19.75 -3.44 -4.35
CA ASP C 104 -20.21 -4.23 -3.21
C ASP C 104 -21.74 -4.30 -3.08
N LEU C 105 -22.18 -4.93 -2.01
CA LEU C 105 -23.59 -5.24 -1.80
C LEU C 105 -24.52 -4.04 -2.01
N ASN C 106 -24.13 -2.87 -1.52
CA ASN C 106 -24.99 -1.70 -1.61
C ASN C 106 -25.12 -1.12 -3.03
N ASP C 107 -24.32 -1.65 -3.97
CA ASP C 107 -24.32 -1.18 -5.36
C ASP C 107 -25.12 -2.09 -6.28
N ALA C 108 -25.46 -3.28 -5.79
CA ALA C 108 -25.99 -4.33 -6.67
C ALA C 108 -27.31 -3.95 -7.36
N LYS C 109 -28.26 -3.38 -6.62
CA LYS C 109 -29.55 -3.08 -7.22
C LYS C 109 -29.39 -2.08 -8.35
N LEU C 110 -28.53 -1.09 -8.15
CA LEU C 110 -28.32 -0.10 -9.18
C LEU C 110 -27.54 -0.67 -10.37
N LEU C 111 -26.51 -1.46 -10.08
CA LEU C 111 -25.72 -2.08 -11.14
C LEU C 111 -26.63 -2.85 -12.11
N LYS C 112 -27.67 -3.48 -11.57
CA LYS C 112 -28.51 -4.34 -12.41
C LYS C 112 -29.47 -3.56 -13.30
N ARG C 113 -29.61 -2.26 -13.05
CA ARG C 113 -30.62 -1.46 -13.71
C ARG C 113 -30.06 -0.43 -14.71
N VAL C 114 -28.76 -0.17 -14.64
CA VAL C 114 -28.14 0.84 -15.51
C VAL C 114 -27.78 0.34 -16.91
N GLY C 115 -27.54 1.28 -17.82
CA GLY C 115 -27.23 0.97 -19.19
C GLY C 115 -25.87 0.30 -19.33
N ILE C 116 -24.89 0.78 -18.57
CA ILE C 116 -23.57 0.15 -18.51
C ILE C 116 -23.13 0.05 -17.06
N ALA C 117 -22.89 -1.19 -16.62
CA ALA C 117 -22.46 -1.48 -15.26
C ALA C 117 -20.97 -1.82 -15.26
N GLY C 118 -20.21 -1.19 -14.37
CA GLY C 118 -18.80 -1.51 -14.23
C GLY C 118 -18.51 -1.96 -12.81
N VAL C 119 -17.65 -2.96 -12.66
CA VAL C 119 -17.23 -3.42 -11.33
C VAL C 119 -15.74 -3.69 -11.40
N PRO C 120 -14.96 -3.15 -10.44
CA PRO C 120 -13.51 -3.37 -10.48
C PRO C 120 -13.14 -4.86 -10.30
N ALA C 121 -11.96 -5.22 -10.80
CA ALA C 121 -11.45 -6.59 -10.74
C ALA C 121 -11.28 -7.12 -9.32
N SER C 122 -11.16 -6.20 -8.37
CA SER C 122 -10.95 -6.55 -6.96
C SER C 122 -12.23 -6.97 -6.23
N ALA C 123 -13.38 -6.71 -6.85
CA ALA C 123 -14.66 -6.85 -6.17
C ALA C 123 -15.09 -8.31 -5.94
N PRO C 124 -16.01 -8.54 -4.98
CA PRO C 124 -16.53 -9.89 -4.77
C PRO C 124 -17.12 -10.45 -6.05
N PHE C 125 -17.01 -11.76 -6.21
CA PHE C 125 -17.41 -12.38 -7.44
C PHE C 125 -18.90 -12.15 -7.76
N TYR C 126 -19.77 -12.21 -6.75
CA TYR C 126 -21.19 -12.03 -7.04
C TYR C 126 -21.56 -10.60 -7.46
N ILE C 127 -20.68 -9.63 -7.18
CA ILE C 127 -20.84 -8.29 -7.71
C ILE C 127 -20.17 -8.19 -9.10
N ARG C 128 -18.96 -8.74 -9.21
CA ARG C 128 -18.21 -8.73 -10.47
C ARG C 128 -19.05 -9.23 -11.64
N ARG C 129 -19.84 -10.28 -11.42
CA ARG C 129 -20.62 -10.85 -12.51
C ARG C 129 -21.76 -9.93 -13.00
N LEU C 130 -22.05 -8.88 -12.23
CA LEU C 130 -23.05 -7.89 -12.65
C LEU C 130 -22.48 -6.91 -13.68
N SER C 131 -21.16 -6.80 -13.72
CA SER C 131 -20.50 -5.89 -14.67
C SER C 131 -20.87 -6.24 -16.10
N THR C 132 -21.22 -5.23 -16.90
CA THR C 132 -21.55 -5.48 -18.30
C THR C 132 -20.37 -5.18 -19.25
N ILE C 133 -19.30 -4.62 -18.70
CA ILE C 133 -18.04 -4.43 -19.43
C ILE C 133 -16.89 -4.97 -18.59
N PHE C 134 -15.83 -5.43 -19.25
CA PHE C 134 -14.69 -5.97 -18.52
C PHE C 134 -13.80 -4.84 -18.07
N LEU C 135 -13.51 -4.78 -16.77
CA LEU C 135 -12.53 -3.84 -16.23
C LEU C 135 -11.33 -4.60 -15.68
N GLU C 136 -10.14 -4.21 -16.11
CA GLU C 136 -8.93 -4.93 -15.72
C GLU C 136 -8.43 -4.48 -14.35
N LYS C 137 -8.67 -3.21 -14.04
CA LYS C 137 -8.04 -2.58 -12.87
C LYS C 137 -8.80 -2.84 -11.58
N ARG C 138 -8.07 -2.77 -10.46
CA ARG C 138 -8.67 -2.95 -9.13
C ARG C 138 -9.00 -1.59 -8.55
N GLY C 139 -9.77 -1.61 -7.47
CA GLY C 139 -10.10 -0.38 -6.77
C GLY C 139 -8.82 0.34 -6.41
N GLY C 140 -8.81 1.64 -6.66
CA GLY C 140 -7.70 2.48 -6.27
C GLY C 140 -6.58 2.48 -7.30
N GLU C 141 -6.70 1.66 -8.34
CA GLU C 141 -5.66 1.54 -9.36
C GLU C 141 -5.90 2.41 -10.59
N GLY C 142 -6.89 3.29 -10.54
CA GLY C 142 -7.30 4.03 -11.72
C GLY C 142 -8.45 3.38 -12.45
N VAL C 143 -9.28 2.64 -11.71
CA VAL C 143 -10.37 1.91 -12.37
C VAL C 143 -11.53 2.84 -12.75
N PHE C 144 -11.68 3.96 -12.06
CA PHE C 144 -12.71 4.90 -12.48
C PHE C 144 -12.31 5.48 -13.85
N ARG C 145 -11.03 5.82 -14.00
CA ARG C 145 -10.55 6.30 -15.29
C ARG C 145 -10.75 5.24 -16.37
N GLU C 146 -10.41 4.00 -16.05
CA GLU C 146 -10.61 2.93 -17.01
C GLU C 146 -12.07 2.83 -17.45
N PHE C 147 -12.97 2.90 -16.47
CA PHE C 147 -14.41 2.82 -16.73
C PHE C 147 -14.86 3.94 -17.67
N VAL C 148 -14.47 5.16 -17.35
CA VAL C 148 -14.89 6.29 -18.18
C VAL C 148 -14.35 6.14 -19.61
N GLU C 149 -13.09 5.76 -19.73
CA GLU C 149 -12.46 5.68 -21.05
C GLU C 149 -13.15 4.61 -21.89
N LYS C 150 -13.53 3.52 -21.25
CA LYS C 150 -14.24 2.46 -21.96
C LYS C 150 -15.67 2.89 -22.32
N VAL C 151 -16.38 3.46 -21.35
CA VAL C 151 -17.77 3.86 -21.55
C VAL C 151 -17.93 4.91 -22.65
N LEU C 152 -16.97 5.84 -22.72
CA LEU C 152 -17.05 6.93 -23.69
C LEU C 152 -16.29 6.65 -25.00
N GLY C 153 -15.66 5.49 -25.07
CA GLY C 153 -14.90 5.12 -26.26
C GLY C 153 -13.71 6.01 -26.55
N ILE C 154 -13.01 6.42 -25.50
CA ILE C 154 -11.81 7.26 -25.64
C ILE C 154 -10.70 6.48 -26.34
N ASN C 155 -10.24 6.99 -27.47
CA ASN C 155 -9.23 6.28 -28.25
C ASN C 155 -8.03 7.17 -28.54
N LEU C 156 -7.07 6.64 -29.28
CA LEU C 156 -5.83 7.39 -29.50
C LEU C 156 -6.11 8.74 -30.17
N GLU C 157 -7.08 8.76 -31.08
CA GLU C 157 -7.39 9.99 -31.80
C GLU C 157 -7.90 11.07 -30.85
N ASP C 158 -8.69 10.65 -29.86
CA ASP C 158 -9.20 11.59 -28.87
C ASP C 158 -8.04 12.15 -28.06
N PHE C 159 -7.07 11.30 -27.75
CA PHE C 159 -5.90 11.71 -26.99
C PHE C 159 -5.05 12.69 -27.76
N ILE C 160 -4.80 12.38 -29.04
CA ILE C 160 -3.99 13.24 -29.87
C ILE C 160 -4.63 14.63 -29.98
N ALA C 161 -5.96 14.64 -30.01
CA ALA C 161 -6.70 15.89 -30.16
C ALA C 161 -6.56 16.80 -28.94
N VAL C 162 -6.48 16.23 -27.75
CA VAL C 162 -6.38 17.05 -26.54
C VAL C 162 -4.95 17.55 -26.25
N ILE C 163 -3.95 16.86 -26.78
CA ILE C 163 -2.57 17.26 -26.50
C ILE C 163 -1.99 18.17 -27.58
N GLN C 164 -2.88 18.72 -28.42
CA GLN C 164 -2.47 19.71 -29.39
C GLN C 164 -2.78 21.10 -28.86
N MET D 1 24.79 6.06 -24.12
CA MET D 1 23.53 6.49 -24.73
C MET D 1 23.54 8.00 -24.99
N LYS D 2 22.37 8.54 -25.34
CA LYS D 2 22.23 9.95 -25.68
C LYS D 2 22.73 10.87 -24.57
N GLU D 3 23.44 11.93 -24.96
CA GLU D 3 23.99 12.90 -24.01
C GLU D 3 22.89 13.72 -23.36
N ILE D 4 22.96 13.87 -22.04
CA ILE D 4 21.93 14.58 -21.29
C ILE D 4 22.53 15.61 -20.34
N LYS D 5 21.97 16.81 -20.35
CA LYS D 5 22.50 17.91 -19.52
C LYS D 5 21.55 18.34 -18.39
N LEU D 6 20.33 17.83 -18.41
CA LEU D 6 19.33 18.19 -17.42
C LEU D 6 18.30 17.08 -17.29
N ILE D 7 17.99 16.70 -16.06
CA ILE D 7 16.97 15.68 -15.81
C ILE D 7 15.78 16.36 -15.14
N LEU D 8 14.61 16.20 -15.76
CA LEU D 8 13.37 16.75 -15.23
C LEU D 8 12.38 15.62 -14.91
N THR D 9 11.52 15.87 -13.94
CA THR D 9 10.63 14.83 -13.46
C THR D 9 9.32 15.39 -12.90
N ASP D 10 8.24 14.66 -13.18
CA ASP D 10 6.95 14.87 -12.52
C ASP D 10 7.01 14.19 -11.14
N ILE D 11 6.02 14.47 -10.30
CA ILE D 11 5.98 13.84 -8.99
C ILE D 11 4.89 12.77 -8.94
N ASP D 12 3.63 13.18 -8.99
CA ASP D 12 2.53 12.22 -8.77
C ASP D 12 2.51 11.16 -9.86
N GLY D 13 2.52 9.88 -9.48
CA GLY D 13 2.58 8.80 -10.45
C GLY D 13 3.97 8.44 -10.95
N VAL D 14 4.97 9.22 -10.56
CA VAL D 14 6.36 8.89 -10.83
C VAL D 14 7.11 8.64 -9.51
N TRP D 15 7.26 9.69 -8.71
CA TRP D 15 7.82 9.56 -7.37
C TRP D 15 6.83 8.90 -6.40
N THR D 16 5.57 8.80 -6.83
CA THR D 16 4.55 8.09 -6.05
C THR D 16 3.75 7.19 -6.98
N ASP D 17 2.90 6.34 -6.40
CA ASP D 17 2.01 5.50 -7.18
C ASP D 17 0.74 6.24 -7.60
N GLY D 18 0.74 7.56 -7.43
CA GLY D 18 -0.44 8.35 -7.77
C GLY D 18 -1.30 8.61 -6.55
N GLY D 19 -0.93 8.00 -5.43
CA GLY D 19 -1.72 8.10 -4.21
C GLY D 19 -1.78 9.51 -3.66
N MET D 20 -2.99 9.96 -3.34
CA MET D 20 -3.20 11.23 -2.64
C MET D 20 -4.07 10.92 -1.44
N PHE D 21 -3.47 11.03 -0.24
CA PHE D 21 -4.17 10.67 1.00
C PHE D 21 -4.83 11.92 1.55
N TYR D 22 -6.13 11.85 1.82
CA TYR D 22 -6.86 12.97 2.43
C TYR D 22 -7.35 12.53 3.81
N ASP D 23 -7.27 13.41 4.79
CA ASP D 23 -7.94 13.15 6.08
C ASP D 23 -9.19 14.01 6.26
N GLN D 24 -9.67 14.09 7.50
CA GLN D 24 -10.90 14.79 7.79
C GLN D 24 -10.69 16.27 8.11
N THR D 25 -9.45 16.75 8.04
CA THR D 25 -9.14 18.08 8.58
C THR D 25 -8.55 19.05 7.57
N GLY D 26 -8.32 18.58 6.35
CA GLY D 26 -7.78 19.42 5.31
C GLY D 26 -6.32 19.12 5.06
N ASN D 27 -5.77 18.13 5.76
CA ASN D 27 -4.37 17.75 5.57
C ASN D 27 -4.28 16.79 4.38
N GLU D 28 -3.07 16.60 3.88
CA GLU D 28 -2.87 15.74 2.73
C GLU D 28 -1.50 15.09 2.83
N TRP D 29 -1.36 13.88 2.28
CA TRP D 29 -0.09 13.17 2.29
C TRP D 29 0.29 12.69 0.91
N LYS D 30 1.60 12.50 0.71
CA LYS D 30 2.10 11.67 -0.39
C LYS D 30 3.07 10.67 0.22
N LYS D 31 3.22 9.53 -0.45
CA LYS D 31 4.17 8.50 -0.05
C LYS D 31 5.29 8.46 -1.08
N PHE D 32 6.47 8.88 -0.65
CA PHE D 32 7.67 8.80 -1.49
C PHE D 32 8.40 7.48 -1.23
N ASN D 33 9.39 7.18 -2.08
CA ASN D 33 10.21 5.99 -1.90
C ASN D 33 11.66 6.42 -1.75
N THR D 34 12.30 6.04 -0.64
CA THR D 34 13.68 6.47 -0.39
C THR D 34 14.61 6.04 -1.54
N SER D 35 14.22 4.99 -2.24
CA SER D 35 14.99 4.49 -3.37
C SER D 35 15.27 5.59 -4.39
N ASP D 36 14.30 6.48 -4.58
CA ASP D 36 14.44 7.50 -5.62
C ASP D 36 15.53 8.52 -5.34
N SER D 37 15.93 8.66 -4.08
N SER D 37 15.93 8.63 -4.08
CA SER D 37 16.97 9.63 -3.77
CA SER D 37 16.96 9.57 -3.69
C SER D 37 18.26 9.28 -4.49
C SER D 37 18.29 9.25 -4.38
N ALA D 38 18.48 7.99 -4.77
CA ALA D 38 19.69 7.57 -5.47
C ALA D 38 19.72 8.13 -6.90
N GLY D 39 18.56 8.43 -7.44
CA GLY D 39 18.51 9.11 -8.73
C GLY D 39 19.15 10.48 -8.66
N ILE D 40 18.93 11.18 -7.56
CA ILE D 40 19.57 12.47 -7.35
C ILE D 40 21.07 12.27 -7.18
N PHE D 41 21.43 11.26 -6.40
CA PHE D 41 22.83 10.92 -6.19
C PHE D 41 23.62 10.71 -7.49
N TRP D 42 23.08 9.86 -8.38
CA TRP D 42 23.79 9.53 -9.61
C TRP D 42 23.89 10.77 -10.51
N ALA D 43 22.79 11.53 -10.58
CA ALA D 43 22.78 12.73 -11.39
C ALA D 43 23.85 13.71 -10.91
N HIS D 44 23.86 13.98 -9.61
CA HIS D 44 24.81 14.92 -9.05
C HIS D 44 26.24 14.40 -9.16
N ASN D 45 26.39 13.08 -9.05
CA ASN D 45 27.67 12.42 -9.23
C ASN D 45 28.25 12.66 -10.64
N LYS D 46 27.36 12.74 -11.62
CA LYS D 46 27.77 13.01 -13.00
C LYS D 46 27.69 14.50 -13.35
N GLY D 47 27.40 15.32 -12.34
CA GLY D 47 27.32 16.77 -12.51
C GLY D 47 26.12 17.25 -13.32
N ILE D 48 25.01 16.51 -13.24
CA ILE D 48 23.78 16.84 -13.95
C ILE D 48 22.72 17.31 -12.95
N PRO D 49 22.09 18.47 -13.21
CA PRO D 49 21.06 19.00 -12.32
C PRO D 49 19.72 18.30 -12.48
N VAL D 50 18.90 18.33 -11.44
CA VAL D 50 17.57 17.71 -11.47
C VAL D 50 16.52 18.75 -11.13
N GLY D 51 15.46 18.81 -11.93
CA GLY D 51 14.36 19.70 -11.66
C GLY D 51 13.04 18.97 -11.60
N ILE D 52 12.15 19.44 -10.75
CA ILE D 52 10.79 18.90 -10.63
C ILE D 52 9.82 19.86 -11.30
N LEU D 53 8.96 19.32 -12.16
CA LEU D 53 7.84 20.08 -12.73
C LEU D 53 6.55 19.41 -12.28
N THR D 54 5.79 20.07 -11.43
CA THR D 54 4.53 19.48 -10.97
C THR D 54 3.35 20.43 -11.12
N GLY D 55 2.19 19.87 -11.48
CA GLY D 55 0.97 20.62 -11.59
C GLY D 55 0.35 20.93 -10.24
N GLU D 56 0.67 20.12 -9.24
CA GLU D 56 0.19 20.34 -7.88
C GLU D 56 1.05 21.41 -7.19
N LYS D 57 0.58 21.89 -6.04
CA LYS D 57 1.40 22.81 -5.26
C LYS D 57 1.20 22.52 -3.78
N THR D 58 2.21 21.91 -3.16
CA THR D 58 2.08 21.43 -1.79
C THR D 58 3.35 21.65 -0.97
N GLU D 59 3.18 21.78 0.35
CA GLU D 59 4.33 21.79 1.23
C GLU D 59 4.97 20.41 1.25
N ILE D 60 4.13 19.38 1.05
CA ILE D 60 4.61 17.99 0.96
C ILE D 60 5.82 17.92 0.01
N VAL D 61 5.63 18.44 -1.19
CA VAL D 61 6.64 18.35 -2.23
C VAL D 61 7.82 19.30 -1.99
N ARG D 62 7.53 20.50 -1.49
CA ARG D 62 8.61 21.42 -1.17
C ARG D 62 9.57 20.78 -0.16
N ARG D 63 9.03 20.11 0.85
CA ARG D 63 9.89 19.53 1.88
C ARG D 63 10.68 18.35 1.32
N ARG D 64 10.04 17.58 0.44
CA ARG D 64 10.71 16.44 -0.17
C ARG D 64 11.86 16.92 -1.09
N ALA D 65 11.60 17.96 -1.88
CA ALA D 65 12.64 18.52 -2.75
C ALA D 65 13.82 19.05 -1.92
N GLU D 66 13.50 19.65 -0.78
CA GLU D 66 14.51 20.16 0.13
C GLU D 66 15.36 19.01 0.68
N LYS D 67 14.70 17.94 1.11
CA LYS D 67 15.38 16.80 1.72
C LYS D 67 16.37 16.19 0.73
N LEU D 68 15.98 16.15 -0.54
CA LEU D 68 16.77 15.49 -1.58
C LEU D 68 17.72 16.43 -2.33
N LYS D 69 17.76 17.70 -1.90
CA LYS D 69 18.63 18.71 -2.51
C LYS D 69 18.44 18.83 -4.02
N VAL D 70 17.18 18.76 -4.44
CA VAL D 70 16.81 18.94 -5.83
C VAL D 70 17.17 20.35 -6.29
N ASP D 71 17.65 20.48 -7.52
CA ASP D 71 18.17 21.77 -7.97
C ASP D 71 17.07 22.80 -8.28
N TYR D 72 16.01 22.35 -8.93
CA TYR D 72 14.88 23.23 -9.26
C TYR D 72 13.55 22.59 -8.85
N LEU D 73 12.65 23.42 -8.30
CA LEU D 73 11.27 22.99 -8.04
C LEU D 73 10.27 23.99 -8.62
N PHE D 74 9.48 23.53 -9.58
CA PHE D 74 8.40 24.33 -10.12
C PHE D 74 7.06 23.67 -9.79
N GLN D 75 6.23 24.36 -9.02
CA GLN D 75 4.92 23.84 -8.64
C GLN D 75 3.80 24.63 -9.29
N GLY D 76 2.61 24.01 -9.35
CA GLY D 76 1.46 24.65 -9.94
C GLY D 76 1.69 24.98 -11.40
N VAL D 77 2.49 24.16 -12.06
CA VAL D 77 2.82 24.35 -13.47
C VAL D 77 1.63 23.95 -14.34
N VAL D 78 1.15 24.87 -15.16
CA VAL D 78 0.01 24.57 -16.03
C VAL D 78 0.49 24.12 -17.41
N ASP D 79 1.64 24.62 -17.83
CA ASP D 79 2.17 24.30 -19.16
C ASP D 79 3.62 23.81 -19.04
N LYS D 80 3.79 22.49 -18.94
CA LYS D 80 5.10 21.94 -18.62
C LYS D 80 6.11 22.10 -19.74
N LEU D 81 5.62 22.06 -20.98
CA LEU D 81 6.49 22.26 -22.13
C LEU D 81 7.10 23.68 -22.11
N SER D 82 6.27 24.67 -21.84
CA SER D 82 6.73 26.06 -21.75
C SER D 82 7.72 26.22 -20.61
N ALA D 83 7.39 25.62 -19.47
CA ALA D 83 8.26 25.70 -18.30
C ALA D 83 9.64 25.10 -18.62
N ALA D 84 9.64 23.92 -19.24
CA ALA D 84 10.89 23.29 -19.63
C ALA D 84 11.69 24.12 -20.62
N GLU D 85 11.02 24.67 -21.62
CA GLU D 85 11.68 25.47 -22.66
C GLU D 85 12.35 26.69 -22.03
N GLU D 86 11.66 27.29 -21.08
CA GLU D 86 12.16 28.50 -20.44
C GLU D 86 13.42 28.17 -19.63
N LEU D 87 13.38 27.03 -18.95
CA LEU D 87 14.51 26.57 -18.16
C LEU D 87 15.68 26.18 -19.07
N CYS D 88 15.39 25.55 -20.21
CA CYS D 88 16.43 25.27 -21.19
C CYS D 88 17.10 26.58 -21.63
N ASN D 89 16.29 27.61 -21.86
CA ASN D 89 16.80 28.94 -22.20
C ASN D 89 17.81 29.44 -21.19
N GLU D 90 17.45 29.32 -19.92
CA GLU D 90 18.28 29.76 -18.81
C GLU D 90 19.64 29.05 -18.79
N LEU D 91 19.62 27.76 -19.10
CA LEU D 91 20.82 26.92 -19.03
C LEU D 91 21.60 26.86 -20.34
N GLY D 92 21.04 27.43 -21.39
CA GLY D 92 21.71 27.45 -22.69
C GLY D 92 21.71 26.09 -23.37
N ILE D 93 20.67 25.30 -23.12
CA ILE D 93 20.57 23.99 -23.74
C ILE D 93 19.30 23.82 -24.56
N ASN D 94 19.20 22.68 -25.23
CA ASN D 94 18.05 22.35 -26.06
C ASN D 94 17.27 21.23 -25.38
N LEU D 95 15.99 21.11 -25.72
CA LEU D 95 15.18 20.02 -25.20
C LEU D 95 15.81 18.69 -25.58
N GLU D 96 16.61 18.70 -26.65
CA GLU D 96 17.26 17.48 -27.11
C GLU D 96 18.21 16.95 -26.03
N GLN D 97 18.65 17.84 -25.14
CA GLN D 97 19.61 17.50 -24.09
C GLN D 97 18.92 17.25 -22.74
N VAL D 98 17.60 17.12 -22.78
CA VAL D 98 16.83 16.90 -21.56
C VAL D 98 16.25 15.50 -21.53
N ALA D 99 16.29 14.89 -20.37
CA ALA D 99 15.56 13.66 -20.10
C ALA D 99 14.42 13.99 -19.17
N TYR D 100 13.20 13.65 -19.57
CA TYR D 100 12.01 13.92 -18.75
C TYR D 100 11.25 12.65 -18.52
N ILE D 101 10.75 12.49 -17.29
CA ILE D 101 9.87 11.39 -16.95
C ILE D 101 8.54 11.91 -16.38
N GLY D 102 7.44 11.45 -16.96
CA GLY D 102 6.10 11.82 -16.53
C GLY D 102 5.15 10.66 -16.79
N ASP D 103 3.90 10.77 -16.35
CA ASP D 103 2.99 9.63 -16.49
C ASP D 103 1.58 9.97 -16.98
N ASP D 104 1.29 11.22 -17.29
CA ASP D 104 -0.11 11.53 -17.61
C ASP D 104 -0.30 12.64 -18.64
N LEU D 105 -1.56 12.99 -18.88
CA LEU D 105 -1.91 13.92 -19.95
C LEU D 105 -1.08 15.20 -19.92
N ASN D 106 -0.90 15.78 -18.74
CA ASN D 106 -0.19 17.06 -18.65
C ASN D 106 1.30 16.96 -18.92
N ASP D 107 1.77 15.72 -19.16
CA ASP D 107 3.19 15.48 -19.45
C ASP D 107 3.41 15.24 -20.94
N ALA D 108 2.34 14.94 -21.66
CA ALA D 108 2.44 14.47 -23.05
C ALA D 108 3.22 15.38 -23.99
N LYS D 109 2.87 16.67 -23.99
CA LYS D 109 3.52 17.60 -24.91
C LYS D 109 5.02 17.68 -24.69
N LEU D 110 5.45 17.66 -23.43
CA LEU D 110 6.87 17.74 -23.11
C LEU D 110 7.57 16.42 -23.42
N LEU D 111 6.94 15.31 -23.06
CA LEU D 111 7.51 14.00 -23.36
C LEU D 111 7.84 13.87 -24.86
N LYS D 112 6.97 14.41 -25.72
CA LYS D 112 7.17 14.27 -27.17
C LYS D 112 8.34 15.11 -27.71
N ARG D 113 8.86 16.02 -26.89
CA ARG D 113 9.84 17.00 -27.35
C ARG D 113 11.26 16.78 -26.81
N VAL D 114 11.40 15.98 -25.75
CA VAL D 114 12.70 15.83 -25.10
C VAL D 114 13.58 14.77 -25.76
N GLY D 115 14.88 14.83 -25.47
CA GLY D 115 15.84 13.90 -26.03
C GLY D 115 15.63 12.47 -25.58
N ILE D 116 15.28 12.30 -24.30
CA ILE D 116 14.91 10.98 -23.79
C ILE D 116 13.67 11.11 -22.93
N ALA D 117 12.62 10.39 -23.30
CA ALA D 117 11.37 10.39 -22.55
C ALA D 117 11.21 9.09 -21.76
N GLY D 118 10.89 9.22 -20.48
CA GLY D 118 10.58 8.07 -19.65
C GLY D 118 9.16 8.11 -19.14
N VAL D 119 8.51 6.95 -19.10
CA VAL D 119 7.16 6.83 -18.58
C VAL D 119 7.08 5.53 -17.77
N PRO D 120 6.59 5.60 -16.52
CA PRO D 120 6.54 4.38 -15.70
C PRO D 120 5.61 3.32 -16.28
N ALA D 121 5.83 2.07 -15.86
CA ALA D 121 5.05 0.94 -16.33
C ALA D 121 3.57 1.05 -15.95
N SER D 122 3.30 1.84 -14.92
CA SER D 122 1.95 2.01 -14.39
C SER D 122 1.09 3.01 -15.15
N ALA D 123 1.69 3.71 -16.10
CA ALA D 123 1.01 4.83 -16.76
C ALA D 123 0.00 4.38 -17.80
N PRO D 124 -0.93 5.28 -18.15
CA PRO D 124 -1.87 4.98 -19.21
C PRO D 124 -1.13 4.67 -20.50
N PHE D 125 -1.70 3.76 -21.27
CA PHE D 125 -1.10 3.28 -22.50
C PHE D 125 -0.71 4.38 -23.49
N TYR D 126 -1.57 5.37 -23.70
N TYR D 126 -1.60 5.36 -23.67
CA TYR D 126 -1.22 6.43 -24.65
CA TYR D 126 -1.32 6.48 -24.58
C TYR D 126 -0.13 7.39 -24.16
C TYR D 126 -0.10 7.31 -24.17
N ILE D 127 0.22 7.31 -22.88
CA ILE D 127 1.39 8.04 -22.39
C ILE D 127 2.61 7.13 -22.44
N ARG D 128 2.41 5.86 -22.07
CA ARG D 128 3.50 4.90 -21.99
C ARG D 128 4.17 4.74 -23.36
N ARG D 129 3.37 4.86 -24.43
CA ARG D 129 3.89 4.68 -25.78
C ARG D 129 4.78 5.84 -26.24
N LEU D 130 4.76 6.94 -25.49
CA LEU D 130 5.65 8.07 -25.75
C LEU D 130 7.07 7.84 -25.22
N SER D 131 7.21 6.92 -24.27
CA SER D 131 8.50 6.63 -23.66
C SER D 131 9.48 6.16 -24.74
N THR D 132 10.72 6.65 -24.68
CA THR D 132 11.72 6.24 -25.67
C THR D 132 12.70 5.23 -25.08
N ILE D 133 12.57 4.97 -23.79
CA ILE D 133 13.28 3.86 -23.15
C ILE D 133 12.30 3.02 -22.36
N PHE D 134 12.60 1.73 -22.23
CA PHE D 134 11.72 0.86 -21.46
C PHE D 134 12.00 1.01 -19.97
N LEU D 135 10.95 1.30 -19.20
CA LEU D 135 11.07 1.29 -17.74
C LEU D 135 10.18 0.17 -17.17
N GLU D 136 10.77 -0.68 -16.34
CA GLU D 136 10.05 -1.82 -15.77
C GLU D 136 9.22 -1.43 -14.54
N LYS D 137 9.70 -0.43 -13.81
CA LYS D 137 9.11 -0.09 -12.52
C LYS D 137 7.88 0.80 -12.63
N ARG D 138 7.00 0.67 -11.64
CA ARG D 138 5.79 1.47 -11.58
C ARG D 138 6.04 2.72 -10.74
N GLY D 139 5.12 3.66 -10.83
CA GLY D 139 5.20 4.85 -10.00
C GLY D 139 5.32 4.47 -8.53
N GLY D 140 6.22 5.14 -7.83
CA GLY D 140 6.44 4.91 -6.42
C GLY D 140 7.32 3.72 -6.10
N GLU D 141 7.70 2.95 -7.12
CA GLU D 141 8.49 1.73 -6.89
C GLU D 141 9.98 1.98 -7.05
N GLY D 142 10.37 3.24 -7.21
CA GLY D 142 11.76 3.58 -7.50
C GLY D 142 12.01 3.77 -9.00
N VAL D 143 11.00 4.22 -9.73
CA VAL D 143 11.12 4.36 -11.18
C VAL D 143 11.91 5.62 -11.57
N PHE D 144 11.92 6.63 -10.70
CA PHE D 144 12.79 7.78 -10.94
C PHE D 144 14.26 7.34 -10.92
N ARG D 145 14.62 6.57 -9.89
CA ARG D 145 15.94 5.97 -9.83
C ARG D 145 16.24 5.14 -11.10
N GLU D 146 15.28 4.28 -11.48
CA GLU D 146 15.48 3.42 -12.67
C GLU D 146 15.80 4.27 -13.90
N PHE D 147 15.02 5.32 -14.08
CA PHE D 147 15.17 6.25 -15.19
C PHE D 147 16.55 6.88 -15.20
N VAL D 148 16.95 7.46 -14.07
CA VAL D 148 18.26 8.11 -13.98
C VAL D 148 19.38 7.11 -14.27
N GLU D 149 19.31 5.92 -13.66
CA GLU D 149 20.35 4.93 -13.88
C GLU D 149 20.45 4.54 -15.36
N LYS D 150 19.31 4.46 -16.04
CA LYS D 150 19.35 4.07 -17.45
C LYS D 150 19.83 5.21 -18.33
N VAL D 151 19.32 6.41 -18.07
CA VAL D 151 19.68 7.61 -18.81
C VAL D 151 21.17 7.91 -18.72
N LEU D 152 21.76 7.65 -17.55
CA LEU D 152 23.16 7.98 -17.32
C LEU D 152 24.09 6.78 -17.54
N GLY D 153 23.51 5.64 -17.88
CA GLY D 153 24.31 4.45 -18.15
C GLY D 153 25.07 3.96 -16.94
N ILE D 154 24.46 4.04 -15.77
CA ILE D 154 25.09 3.58 -14.54
C ILE D 154 25.25 2.06 -14.54
N ASN D 155 26.48 1.60 -14.46
CA ASN D 155 26.75 0.16 -14.56
C ASN D 155 27.42 -0.35 -13.28
N LEU D 156 27.70 -1.65 -13.24
CA LEU D 156 28.31 -2.24 -12.05
C LEU D 156 29.61 -1.52 -11.70
N GLU D 157 30.38 -1.14 -12.73
CA GLU D 157 31.64 -0.44 -12.53
C GLU D 157 31.47 0.90 -11.81
N ASP D 158 30.40 1.63 -12.13
CA ASP D 158 30.08 2.89 -11.46
C ASP D 158 29.76 2.65 -9.99
N PHE D 159 29.02 1.58 -9.74
CA PHE D 159 28.66 1.19 -8.38
C PHE D 159 29.92 0.89 -7.58
N ILE D 160 30.77 0.03 -8.12
CA ILE D 160 32.01 -0.36 -7.45
C ILE D 160 32.85 0.87 -7.11
N ALA D 161 32.89 1.81 -8.04
CA ALA D 161 33.70 3.01 -7.86
C ALA D 161 33.24 3.87 -6.67
N VAL D 162 31.93 3.90 -6.41
CA VAL D 162 31.41 4.74 -5.32
C VAL D 162 31.44 4.09 -3.94
N ILE D 163 31.70 2.78 -3.87
CA ILE D 163 31.67 2.09 -2.59
C ILE D 163 33.06 1.70 -2.09
N GLN D 164 34.11 2.21 -2.71
CA GLN D 164 35.46 1.88 -2.30
C GLN D 164 35.69 2.18 -0.81
MG MG E . -2.06 -11.00 13.80
C1 PEG F . -16.91 -5.49 23.77
O1 PEG F . -16.98 -6.65 24.57
C2 PEG F . -18.21 -5.30 22.98
O2 PEG F . -17.96 -4.50 21.84
C3 PEG F . -17.14 -3.35 21.93
C4 PEG F . -16.96 -2.70 20.54
O4 PEG F . -16.35 -1.45 20.68
C1 EDO G . -14.16 -12.79 28.24
O1 EDO G . -14.53 -13.61 29.36
C2 EDO G . -12.79 -13.18 27.72
O2 EDO G . -11.78 -12.41 28.37
C1 EDO H . -26.40 -12.06 16.76
O1 EDO H . -26.68 -12.18 18.15
C2 EDO H . -25.79 -10.70 16.47
O2 EDO H . -26.80 -9.74 16.16
C1 EDO I . -27.42 -18.99 29.85
O1 EDO I . -27.86 -18.51 28.57
C2 EDO I . -26.15 -18.24 30.22
O2 EDO I . -25.70 -18.66 31.52
V VN4 J . -3.25 -9.45 16.61
O1 VN4 J . -2.12 -9.74 15.29
O2 VN4 J . -4.37 -8.09 16.38
O3 VN4 J . -3.11 -10.24 18.21
C1 SLB K . 4.35 -4.90 17.37
C2 SLB K . 4.09 -5.89 18.49
C3 SLB K . 5.42 -6.33 19.12
C4 SLB K . 5.19 -7.53 20.06
C5 SLB K . 4.24 -8.60 19.48
C6 SLB K . 2.99 -7.93 18.89
C7 SLB K . 1.97 -8.88 18.23
C8 SLB K . 0.63 -8.09 18.10
C9 SLB K . -0.45 -8.70 17.17
C10 SLB K . 4.04 -10.86 20.63
C11 SLB K . 3.47 -11.71 21.77
N5 SLB K . 3.78 -9.43 20.60
O1A SLB K . 4.66 -5.44 16.12
O1B SLB K . 4.02 -3.76 17.48
O2 SLB K . 3.29 -5.27 19.47
O4 SLB K . 6.45 -8.07 20.41
O6 SLB K . 3.41 -6.99 17.90
O7 SLB K . 2.51 -9.26 16.99
O8 SLB K . 0.06 -7.92 19.37
O9 SLB K . -1.75 -8.14 17.27
O10 SLB K . 4.76 -11.34 19.82
MG MG L . 17.63 1.12 3.31
C1 PEG M . 15.50 -12.25 26.47
O1 PEG M . 14.20 -11.84 26.10
C2 PEG M . 16.44 -11.02 26.60
O2 PEG M . 16.89 -10.62 25.32
C3 PEG M . 18.16 -10.03 25.18
C4 PEG M . 19.21 -11.11 24.89
O4 PEG M . 20.46 -10.51 24.65
C1 PEG N . 27.05 10.21 12.85
O1 PEG N . 28.11 11.14 12.89
C2 PEG N . 27.60 8.77 12.90
O2 PEG N . 27.68 8.26 11.59
C3 PEG N . 28.80 7.49 11.19
C4 PEG N . 28.98 6.28 12.11
O4 PEG N . 30.12 5.58 11.69
C1 EDO O . 5.76 18.11 13.51
O1 EDO O . 4.34 17.94 13.44
C2 EDO O . 6.43 16.82 13.97
O2 EDO O . 6.61 16.83 15.39
V VN4 P . 18.33 3.06 6.07
O1 VN4 P . 17.68 2.68 4.47
O2 VN4 P . 17.12 3.04 7.38
O3 VN4 P . 20.01 3.66 6.34
C1 SLB Q . 15.51 10.39 1.93
C2 SLB Q . 17.01 10.42 2.22
C3 SLB Q . 17.76 11.27 1.18
C4 SLB Q . 19.28 11.04 1.27
C5 SLB Q . 19.70 9.55 1.42
C6 SLB Q . 18.80 8.87 2.46
C7 SLB Q . 19.04 7.35 2.68
C8 SLB Q . 18.36 6.93 4.02
C9 SLB Q . 18.14 5.41 4.22
C10 SLB Q . 22.09 8.74 1.26
C11 SLB Q . 23.50 8.64 1.86
N5 SLB Q . 21.07 9.51 1.95
O1A SLB Q . 15.13 9.53 0.90
O1B SLB Q . 14.72 10.88 2.66
O2 SLB Q . 17.26 10.94 3.50
O4 SLB Q . 19.94 11.67 0.18
O6 SLB Q . 17.42 9.06 2.14
O7 SLB Q . 18.45 6.66 1.59
O8 SLB Q . 19.10 7.42 5.11
O9 SLB Q . 17.78 5.02 5.54
O10 SLB Q . 21.86 8.25 0.20
C1 SLB R . -17.15 0.63 7.15
C2 SLB R . -18.64 0.69 6.87
C3 SLB R . -19.37 -0.36 7.74
C4 SLB R . -20.80 -0.62 7.25
C5 SLB R . -20.91 -0.76 5.70
C6 SLB R . -20.14 0.39 5.03
C7 SLB R . -20.11 0.37 3.48
C8 SLB R . -19.61 1.77 3.01
C9 SLB R . -19.26 1.80 1.50
C10 SLB R . -22.88 -1.44 4.27
C11 SLB R . -24.33 -1.24 3.82
N5 SLB R . -22.32 -0.61 5.33
O1A SLB R . -16.44 -0.45 6.59
O1B SLB R . -16.58 1.52 7.66
O2 SLB R . -19.16 1.98 7.19
O4 SLB R . -21.35 -1.71 7.95
O6 SLB R . -18.78 0.43 5.49
O7 SLB R . -19.25 -0.64 3.03
O8 SLB R . -20.60 2.73 3.27
O9 SLB R . -18.97 3.10 0.99
O10 SLB R . -22.17 -2.18 3.66
MG MG S . -17.75 0.43 -2.40
C1 PEG T . -22.05 19.98 -17.54
O1 PEG T . -23.03 19.04 -17.90
C2 PEG T . -20.66 19.34 -17.55
O2 PEG T . -19.75 20.21 -16.92
C3 PEG T . -18.44 20.33 -17.42
C4 PEG T . -17.84 21.68 -17.01
O4 PEG T . -16.87 22.05 -17.96
C1 EDO U . -17.82 22.27 -0.87
O1 EDO U . -18.74 22.25 0.24
C2 EDO U . -18.25 21.34 -2.00
O2 EDO U . -18.65 22.10 -3.15
C1 EDO V . -27.82 -4.78 1.78
O1 EDO V . -26.47 -5.05 2.18
C2 EDO V . -27.87 -4.58 0.27
O2 EDO V . -29.14 -4.03 -0.07
V VN4 W . -19.24 3.23 -1.10
O1 VN4 W . -18.37 1.71 -1.07
O2 VN4 W . -18.27 4.74 -1.11
O3 VN4 W . -21.01 3.31 -0.84
C1 SLB X . -6.05 15.69 -8.35
C2 SLB X . -5.81 16.72 -9.43
C3 SLB X . -7.12 16.96 -10.22
C4 SLB X . -6.83 17.77 -11.50
C5 SLB X . -5.61 17.26 -12.29
C6 SLB X . -4.43 17.08 -11.32
C7 SLB X . -3.16 16.50 -11.99
C8 SLB X . -1.96 16.74 -11.02
C9 SLB X . -0.70 15.91 -11.35
C10 SLB X . -5.03 18.01 -14.65
C11 SLB X . -4.62 19.15 -15.61
N5 SLB X . -5.22 18.31 -13.24
O1A SLB X . -6.04 14.36 -8.77
O1B SLB X . -5.88 15.98 -7.21
O2 SLB X . -5.36 17.93 -8.87
O4 SLB X . -7.98 17.86 -12.30
O6 SLB X . -4.79 16.19 -10.25
O7 SLB X . -3.43 15.13 -12.21
O8 SLB X . -1.62 18.10 -11.03
O9 SLB X . 0.45 16.27 -10.60
O10 SLB X . -5.17 16.90 -15.06
MG MG Y . 1.83 12.55 -12.85
C1 PEG Z . 13.30 23.76 -1.57
O1 PEG Z . 12.57 24.88 -1.15
C2 PEG Z . 12.93 23.41 -3.02
O2 PEG Z . 14.07 23.05 -3.77
C3 PEG Z . 14.74 24.00 -4.57
C4 PEG Z . 13.72 24.72 -5.46
O4 PEG Z . 14.36 25.69 -6.24
C1 PEG AA . 8.33 29.00 -15.12
O1 PEG AA . 7.66 29.29 -13.93
C2 PEG AA . 9.58 28.15 -14.83
O2 PEG AA . 10.60 28.41 -15.77
C3 PEG AA . 11.95 28.18 -15.45
C4 PEG AA . 12.73 29.51 -15.34
O4 PEG AA . 13.11 29.76 -14.01
V VN4 BA . 2.25 15.75 -11.56
O1 VN4 BA . 1.42 14.22 -11.89
O2 VN4 BA . 3.11 15.88 -10.00
O3 VN4 BA . 2.04 17.25 -12.54
#